data_5C00
#
_entry.id   5C00
#
_cell.length_a   61.532
_cell.length_b   76.621
_cell.length_c   72.586
_cell.angle_alpha   90.000
_cell.angle_beta   90.170
_cell.angle_gamma   90.000
#
_symmetry.space_group_name_H-M   'P 1 21 1'
#
loop_
_entity.id
_entity.type
_entity.pdbx_description
1 polymer 'MdbA protein'
2 water water
#
_entity_poly.entity_id   1
_entity_poly.type   'polypeptide(L)'
_entity_poly.pdbx_seq_one_letter_code
;SNAVQGKAHQANKYADYDKESVSFTGSVTDSAIVLKAVNAKKDAKKIDFYEDFSCPHCAELGEVTDGP(MSE)TKAIENG
DIVVNLRILNFLDRDGDDGNSTKAGAAALAVAQSGDWETYWNYRALL(MSE)KEQKNIYGKWGDNDFADVAKSLGASDEV
TQKIREGGAKEDFRKFAEANSKKLEKDGGSVSSPRVFIDGKEVKNGIETWVEQATS
;
_entity_poly.pdbx_strand_id   A,B,C,D
#
# COMPACT_ATOMS: atom_id res chain seq x y z
N LYS A 7 -7.07 0.36 33.64
CA LYS A 7 -5.90 1.25 33.38
C LYS A 7 -6.30 2.52 32.63
N ALA A 8 -5.71 3.65 33.02
CA ALA A 8 -6.05 4.96 32.49
C ALA A 8 -5.18 5.19 31.26
N HIS A 9 -5.77 5.67 30.17
CA HIS A 9 -5.04 5.96 28.93
C HIS A 9 -4.96 7.46 28.62
N GLN A 10 -6.04 8.20 28.89
CA GLN A 10 -6.08 9.67 28.72
C GLN A 10 -6.46 10.41 29.99
N ALA A 11 -5.62 11.36 30.38
CA ALA A 11 -5.81 12.11 31.64
C ALA A 11 -5.87 11.12 32.81
N ASN A 12 -6.84 11.27 33.71
CA ASN A 12 -6.95 10.45 34.89
C ASN A 12 -8.40 10.42 35.28
N LYS A 13 -8.74 9.65 36.30
CA LYS A 13 -10.17 9.42 36.63
C LYS A 13 -10.84 10.60 37.32
N TYR A 14 -10.07 11.60 37.79
CA TYR A 14 -10.65 12.82 38.34
C TYR A 14 -10.90 13.91 37.30
N ALA A 15 -10.30 13.83 36.11
CA ALA A 15 -10.27 14.97 35.18
C ALA A 15 -11.69 15.38 34.73
N ASP A 16 -11.98 16.67 34.86
CA ASP A 16 -13.26 17.30 34.50
C ASP A 16 -12.99 18.03 33.16
N TYR A 17 -13.94 17.90 32.25
CA TYR A 17 -13.89 18.59 30.96
C TYR A 17 -15.02 19.64 30.95
N ASP A 18 -14.81 20.71 30.20
CA ASP A 18 -15.88 21.68 29.99
C ASP A 18 -17.06 21.04 29.20
N LYS A 19 -18.29 21.31 29.65
CA LYS A 19 -19.51 20.68 29.16
C LYS A 19 -20.64 21.69 28.97
N GLU A 20 -20.91 22.03 27.71
CA GLU A 20 -21.95 22.98 27.33
CA GLU A 20 -21.95 22.97 27.31
C GLU A 20 -23.29 22.29 27.52
N SER A 21 -24.26 23.04 28.04
CA SER A 21 -25.61 22.56 28.21
CA SER A 21 -25.59 22.49 28.18
C SER A 21 -26.32 22.70 26.86
N VAL A 22 -27.11 21.71 26.46
CA VAL A 22 -27.89 21.81 25.21
C VAL A 22 -29.26 21.29 25.52
N SER A 23 -30.27 21.82 24.88
CA SER A 23 -31.62 21.40 25.19
C SER A 23 -32.26 20.57 24.07
N PHE A 24 -31.51 20.26 23.02
CA PHE A 24 -32.03 19.48 21.91
C PHE A 24 -31.95 18.00 22.22
N THR A 25 -32.59 17.19 21.40
CA THR A 25 -32.46 15.74 21.51
C THR A 25 -31.96 15.21 20.15
N GLY A 26 -32.04 13.91 19.94
CA GLY A 26 -31.51 13.36 18.70
C GLY A 26 -32.01 11.96 18.42
N SER A 27 -31.59 11.42 17.29
CA SER A 27 -31.85 10.01 16.96
C SER A 27 -30.77 9.52 16.06
N VAL A 28 -30.65 8.22 15.83
CA VAL A 28 -29.72 7.69 14.82
C VAL A 28 -30.60 7.04 13.81
N THR A 29 -30.72 7.69 12.66
CA THR A 29 -31.69 7.32 11.65
C THR A 29 -31.07 7.47 10.27
N ASP A 30 -31.27 6.46 9.39
CA ASP A 30 -30.91 6.59 7.98
C ASP A 30 -29.45 6.99 7.79
N SER A 31 -28.56 6.35 8.54
CA SER A 31 -27.10 6.64 8.53
C SER A 31 -26.65 8.00 9.08
N ALA A 32 -27.57 8.76 9.66
CA ALA A 32 -27.28 10.08 10.18
C ALA A 32 -27.45 10.08 11.66
N ILE A 33 -26.71 10.98 12.29
CA ILE A 33 -26.98 11.32 13.65
C ILE A 33 -27.80 12.59 13.55
N VAL A 34 -29.05 12.49 13.95
CA VAL A 34 -29.99 13.56 13.76
C VAL A 34 -30.16 14.40 15.03
N LEU A 35 -29.93 15.72 14.95
CA LEU A 35 -30.14 16.61 16.10
C LEU A 35 -31.35 17.45 15.84
N LYS A 36 -32.24 17.51 16.81
CA LYS A 36 -33.54 18.15 16.65
C LYS A 36 -34.10 18.56 17.99
N ALA A 37 -34.90 19.62 18.00
CA ALA A 37 -35.67 19.97 19.15
C ALA A 37 -36.72 18.90 19.44
N VAL A 38 -37.06 18.80 20.72
CA VAL A 38 -38.19 17.94 21.18
C VAL A 38 -39.48 18.23 20.37
N ASN A 39 -39.76 19.51 20.20
CA ASN A 39 -40.94 19.93 19.43
C ASN A 39 -40.48 20.73 18.23
N ALA A 40 -39.73 20.07 17.37
CA ALA A 40 -39.30 20.68 16.13
C ALA A 40 -40.54 20.91 15.27
N LYS A 41 -40.50 22.00 14.53
CA LYS A 41 -41.56 22.32 13.61
C LYS A 41 -41.60 21.27 12.50
N LYS A 42 -42.80 20.89 12.11
CA LYS A 42 -42.96 20.02 10.94
C LYS A 42 -42.40 20.65 9.66
N ASP A 43 -42.32 21.98 9.60
CA ASP A 43 -41.69 22.67 8.45
C ASP A 43 -40.23 23.15 8.64
N ALA A 44 -39.56 22.63 9.66
CA ALA A 44 -38.16 22.94 9.87
C ALA A 44 -37.38 22.55 8.62
N LYS A 45 -36.31 23.27 8.32
CA LYS A 45 -35.48 22.91 7.18
C LYS A 45 -34.60 21.70 7.53
N LYS A 46 -34.52 20.73 6.62
CA LYS A 46 -33.70 19.54 6.84
C LYS A 46 -32.28 19.79 6.33
N ILE A 47 -31.30 19.58 7.19
CA ILE A 47 -29.93 19.88 6.83
C ILE A 47 -29.24 18.56 6.70
N ASP A 48 -28.45 18.40 5.66
CA ASP A 48 -27.50 17.30 5.60
C ASP A 48 -26.13 17.91 5.71
N PHE A 49 -25.44 17.57 6.81
CA PHE A 49 -24.17 18.17 7.11
CA PHE A 49 -24.17 18.16 7.14
C PHE A 49 -23.17 17.04 7.12
N TYR A 50 -22.25 17.08 6.17
CA TYR A 50 -21.26 16.04 5.97
C TYR A 50 -19.94 16.48 6.59
N GLU A 51 -19.38 15.63 7.44
CA GLU A 51 -18.09 15.95 8.02
C GLU A 51 -17.31 14.68 8.26
N ASP A 52 -16.02 14.88 8.50
CA ASP A 52 -15.08 13.77 8.81
C ASP A 52 -14.24 14.25 10.02
N PHE A 53 -14.05 13.40 11.02
CA PHE A 53 -13.30 13.78 12.22
C PHE A 53 -11.79 14.04 11.99
N SER A 54 -11.24 13.74 10.81
CA SER A 54 -9.86 14.09 10.52
C SER A 54 -9.72 15.31 9.63
N CYS A 55 -10.84 15.98 9.35
CA CYS A 55 -10.86 17.10 8.41
C CYS A 55 -10.65 18.45 9.12
N PRO A 56 -9.52 19.12 8.82
CA PRO A 56 -9.23 20.37 9.54
C PRO A 56 -10.23 21.46 9.22
N HIS A 57 -10.73 21.50 7.99
CA HIS A 57 -11.66 22.55 7.64
CA HIS A 57 -11.66 22.53 7.63
C HIS A 57 -13.04 22.26 8.22
N CYS A 58 -13.34 21.00 8.57
CA CYS A 58 -14.58 20.69 9.31
C CYS A 58 -14.49 21.23 10.71
N ALA A 59 -13.32 21.11 11.33
CA ALA A 59 -13.11 21.71 12.66
C ALA A 59 -13.22 23.24 12.57
N GLU A 60 -12.63 23.81 11.53
CA GLU A 60 -12.67 25.26 11.39
C GLU A 60 -14.07 25.79 11.16
N LEU A 61 -14.83 25.15 10.25
CA LEU A 61 -16.24 25.52 10.08
C LEU A 61 -17.09 25.37 11.37
N GLY A 62 -16.90 24.29 12.07
CA GLY A 62 -17.60 24.05 13.35
C GLY A 62 -17.40 25.16 14.37
N GLU A 63 -16.19 25.69 14.44
CA GLU A 63 -15.89 26.79 15.33
C GLU A 63 -16.79 27.98 15.03
N VAL A 64 -17.03 28.22 13.76
CA VAL A 64 -17.86 29.34 13.34
C VAL A 64 -19.35 29.04 13.44
N THR A 65 -19.80 27.87 13.05
CA THR A 65 -21.23 27.65 12.88
C THR A 65 -21.87 26.74 13.94
N ASP A 66 -21.09 26.04 14.76
CA ASP A 66 -21.69 25.17 15.79
C ASP A 66 -22.63 25.92 16.75
N GLY A 67 -22.20 27.11 17.17
CA GLY A 67 -22.99 27.92 18.07
C GLY A 67 -24.34 28.32 17.48
N PRO A 68 -24.33 29.00 16.35
CA PRO A 68 -25.61 29.35 15.74
C PRO A 68 -26.42 28.14 15.35
N MSE A 69 -25.77 27.07 14.91
CA MSE A 69 -26.50 25.82 14.55
C MSE A 69 -27.24 25.33 15.76
O MSE A 69 -28.40 24.96 15.63
CB MSE A 69 -25.55 24.74 14.02
CG MSE A 69 -26.29 23.45 13.64
SE MSE A 69 -25.02 22.07 13.08
CE MSE A 69 -24.43 21.66 14.87
N THR A 70 -26.58 25.24 16.92
CA THR A 70 -27.23 24.79 18.15
CA THR A 70 -27.28 24.76 18.12
C THR A 70 -28.48 25.63 18.46
N LYS A 71 -28.36 26.94 18.35
CA LYS A 71 -29.51 27.81 18.62
C LYS A 71 -30.68 27.57 17.68
N ALA A 72 -30.38 27.34 16.42
CA ALA A 72 -31.41 27.14 15.43
C ALA A 72 -32.09 25.79 15.62
N ILE A 73 -31.31 24.80 16.02
CA ILE A 73 -31.84 23.49 16.37
C ILE A 73 -32.70 23.67 17.61
N GLU A 74 -32.20 24.34 18.65
CA GLU A 74 -33.01 24.43 19.90
C GLU A 74 -34.31 25.20 19.66
N ASN A 75 -34.31 26.17 18.73
CA ASN A 75 -35.50 26.92 18.29
CA ASN A 75 -35.51 26.92 18.38
C ASN A 75 -36.50 26.16 17.45
N GLY A 76 -36.13 24.98 16.98
CA GLY A 76 -37.03 24.17 16.15
C GLY A 76 -37.05 24.55 14.68
N ASP A 77 -36.10 25.39 14.24
CA ASP A 77 -36.05 25.91 12.86
C ASP A 77 -35.33 25.00 11.87
N ILE A 78 -34.37 24.21 12.35
CA ILE A 78 -33.71 23.22 11.52
C ILE A 78 -33.63 21.88 12.22
N VAL A 79 -33.59 20.83 11.41
CA VAL A 79 -33.27 19.49 11.87
C VAL A 79 -31.99 19.09 11.17
N VAL A 80 -30.95 18.76 11.93
CA VAL A 80 -29.63 18.51 11.34
C VAL A 80 -29.26 17.04 11.26
N ASN A 81 -29.12 16.57 10.04
CA ASN A 81 -28.62 15.25 9.83
C ASN A 81 -27.10 15.29 9.69
N LEU A 82 -26.41 14.86 10.74
CA LEU A 82 -24.97 14.77 10.73
C LEU A 82 -24.60 13.45 10.05
N ARG A 83 -24.00 13.58 8.87
CA ARG A 83 -23.64 12.48 8.00
C ARG A 83 -22.13 12.35 8.01
N ILE A 84 -21.66 11.48 8.89
CA ILE A 84 -20.25 11.34 9.11
C ILE A 84 -19.56 10.40 8.14
N LEU A 85 -18.42 10.88 7.63
CA LEU A 85 -17.65 10.19 6.63
C LEU A 85 -16.34 9.68 7.22
N ASN A 86 -15.67 8.75 6.52
CA ASN A 86 -14.32 8.32 6.90
C ASN A 86 -13.37 8.30 5.68
N PHE A 87 -13.68 9.11 4.68
CA PHE A 87 -12.91 9.15 3.43
C PHE A 87 -11.47 9.57 3.65
N LEU A 88 -11.21 10.37 4.69
CA LEU A 88 -9.84 10.77 4.99
C LEU A 88 -8.93 9.65 5.49
N ASP A 89 -9.49 8.50 5.84
CA ASP A 89 -8.67 7.34 6.14
C ASP A 89 -8.13 6.65 4.85
N ARG A 90 -8.38 7.26 3.68
CA ARG A 90 -7.67 6.92 2.40
C ARG A 90 -7.99 5.49 2.05
N ASP A 91 -9.28 5.20 2.03
CA ASP A 91 -9.83 3.88 1.73
C ASP A 91 -9.62 2.80 2.83
N GLY A 92 -9.04 3.16 3.98
CA GLY A 92 -8.90 2.20 5.08
C GLY A 92 -10.17 2.24 5.90
N ASP A 93 -10.41 1.19 6.67
CA ASP A 93 -11.58 1.12 7.48
C ASP A 93 -11.30 1.22 8.98
N ASP A 94 -10.11 1.63 9.40
CA ASP A 94 -9.83 1.71 10.84
C ASP A 94 -8.73 2.74 11.18
N GLY A 95 -8.76 3.89 10.51
CA GLY A 95 -7.90 4.98 10.91
C GLY A 95 -8.56 5.95 11.83
N ASN A 96 -7.96 7.12 11.94
CA ASN A 96 -8.41 8.07 12.91
C ASN A 96 -9.86 8.46 12.63
N SER A 97 -10.25 8.65 11.36
CA SER A 97 -11.61 9.10 11.06
C SER A 97 -12.63 8.05 11.51
N THR A 98 -12.29 6.79 11.32
CA THR A 98 -13.16 5.70 11.79
C THR A 98 -13.18 5.57 13.30
N LYS A 99 -12.02 5.60 13.92
CA LYS A 99 -11.95 5.51 15.39
C LYS A 99 -12.75 6.62 16.09
N ALA A 100 -12.57 7.86 15.66
CA ALA A 100 -13.25 9.02 16.22
C ALA A 100 -14.75 8.93 15.89
N GLY A 101 -15.07 8.64 14.64
CA GLY A 101 -16.44 8.62 14.17
C GLY A 101 -17.21 7.50 14.83
N ALA A 102 -16.61 6.34 14.98
CA ALA A 102 -17.32 5.23 15.61
C ALA A 102 -17.45 5.42 17.15
N ALA A 103 -16.49 6.09 17.78
CA ALA A 103 -16.59 6.43 19.22
C ALA A 103 -17.77 7.41 19.46
N ALA A 104 -17.86 8.41 18.61
CA ALA A 104 -18.91 9.40 18.69
C ALA A 104 -20.26 8.73 18.41
N LEU A 105 -20.31 7.85 17.40
CA LEU A 105 -21.55 7.07 17.15
C LEU A 105 -22.02 6.26 18.33
N ALA A 106 -21.10 5.57 19.01
CA ALA A 106 -21.45 4.80 20.21
C ALA A 106 -22.13 5.69 21.26
N VAL A 107 -21.64 6.90 21.47
CA VAL A 107 -22.29 7.83 22.36
C VAL A 107 -23.68 8.24 21.88
N ALA A 108 -23.82 8.60 20.62
CA ALA A 108 -25.12 8.97 20.09
C ALA A 108 -26.17 7.83 20.18
N GLN A 109 -25.72 6.62 19.93
CA GLN A 109 -26.57 5.43 20.02
C GLN A 109 -27.16 5.25 21.41
N SER A 110 -26.45 5.71 22.44
CA SER A 110 -26.95 5.64 23.80
C SER A 110 -28.04 6.69 24.12
N GLY A 111 -28.25 7.66 23.24
CA GLY A 111 -29.20 8.73 23.47
C GLY A 111 -28.78 9.81 24.47
N ASP A 112 -27.50 9.89 24.85
CA ASP A 112 -27.02 10.91 25.78
C ASP A 112 -26.52 12.10 24.94
N TRP A 113 -27.43 13.00 24.61
CA TRP A 113 -27.16 14.02 23.61
C TRP A 113 -26.25 15.09 24.14
N GLU A 114 -26.28 15.37 25.44
CA GLU A 114 -25.37 16.39 25.96
C GLU A 114 -23.90 15.88 25.96
N THR A 115 -23.70 14.60 26.29
CA THR A 115 -22.38 13.99 26.15
C THR A 115 -21.91 13.93 24.69
N TYR A 116 -22.80 13.47 23.81
CA TYR A 116 -22.51 13.41 22.39
C TYR A 116 -22.06 14.76 21.86
N TRP A 117 -22.85 15.76 22.14
CA TRP A 117 -22.50 17.08 21.60
C TRP A 117 -21.11 17.56 22.06
N ASN A 118 -20.86 17.43 23.35
CA ASN A 118 -19.57 17.88 23.88
C ASN A 118 -18.40 17.00 23.43
N TYR A 119 -18.67 15.72 23.22
CA TYR A 119 -17.67 14.79 22.74
C TYR A 119 -17.29 15.10 21.32
N ARG A 120 -18.28 15.34 20.45
CA ARG A 120 -18.01 15.78 19.07
C ARG A 120 -17.16 17.04 19.05
N ALA A 121 -17.58 18.03 19.84
CA ALA A 121 -16.87 19.32 19.86
C ALA A 121 -15.39 19.09 20.24
N LEU A 122 -15.14 18.29 21.26
CA LEU A 122 -13.78 18.02 21.69
CA LEU A 122 -13.78 17.98 21.71
C LEU A 122 -12.92 17.32 20.63
N LEU A 123 -13.45 16.28 20.02
CA LEU A 123 -12.74 15.57 18.99
C LEU A 123 -12.39 16.45 17.80
N MSE A 124 -13.27 17.36 17.39
CA MSE A 124 -12.95 18.37 16.40
C MSE A 124 -11.97 19.43 16.88
O MSE A 124 -11.03 19.77 16.13
CB MSE A 124 -14.24 19.06 15.91
CG MSE A 124 -15.07 18.06 15.14
SE MSE A 124 -14.30 17.68 13.34
CE MSE A 124 -15.77 16.60 12.67
N LYS A 125 -12.16 19.95 18.08
CA LYS A 125 -11.26 20.97 18.57
C LYS A 125 -9.84 20.46 18.71
N GLU A 126 -9.67 19.24 19.21
CA GLU A 126 -8.34 18.68 19.44
C GLU A 126 -7.78 17.80 18.30
N GLN A 127 -8.43 17.87 17.16
CA GLN A 127 -8.14 17.00 16.06
C GLN A 127 -6.67 16.87 15.80
N LYS A 128 -5.96 17.98 15.77
CA LYS A 128 -4.52 17.95 15.48
C LYS A 128 -3.67 17.23 16.50
N ASN A 129 -4.09 17.20 17.76
CA ASN A 129 -3.39 16.48 18.84
C ASN A 129 -3.79 15.01 18.99
N ILE A 130 -4.93 14.67 18.49
CA ILE A 130 -5.49 13.35 18.57
C ILE A 130 -4.97 12.51 17.42
N TYR A 131 -4.91 13.14 16.26
CA TYR A 131 -4.74 12.45 14.98
C TYR A 131 -3.46 11.59 14.99
N GLY A 132 -3.63 10.29 14.86
CA GLY A 132 -2.49 9.36 14.84
C GLY A 132 -1.87 9.02 16.19
N LYS A 133 -2.35 9.67 17.26
CA LYS A 133 -1.78 9.50 18.57
C LYS A 133 -2.73 8.73 19.45
N TRP A 134 -4.04 8.85 19.23
CA TRP A 134 -5.02 8.14 20.07
C TRP A 134 -5.44 6.81 19.46
N GLY A 135 -5.64 5.81 20.32
CA GLY A 135 -6.26 4.58 19.97
C GLY A 135 -7.61 4.48 20.60
N ASP A 136 -8.26 3.35 20.42
CA ASP A 136 -9.62 3.18 20.90
C ASP A 136 -9.81 3.39 22.42
N ASN A 137 -8.80 3.05 23.21
CA ASN A 137 -8.93 3.20 24.65
C ASN A 137 -8.84 4.66 25.03
N ASP A 138 -8.16 5.48 24.20
CA ASP A 138 -8.11 6.92 24.43
C ASP A 138 -9.46 7.53 24.14
N PHE A 139 -10.04 7.19 22.99
CA PHE A 139 -11.38 7.69 22.72
C PHE A 139 -12.36 7.29 23.82
N ALA A 140 -12.23 6.08 24.32
CA ALA A 140 -13.15 5.62 25.37
C ALA A 140 -12.97 6.35 26.69
N ASP A 141 -11.73 6.60 27.09
CA ASP A 141 -11.48 7.25 28.37
C ASP A 141 -12.14 8.63 28.31
N VAL A 142 -11.97 9.32 27.18
CA VAL A 142 -12.47 10.67 27.05
C VAL A 142 -13.99 10.71 27.06
N ALA A 143 -14.63 9.78 26.35
CA ALA A 143 -16.05 9.63 26.42
C ALA A 143 -16.53 9.46 27.86
N LYS A 144 -15.91 8.56 28.60
CA LYS A 144 -16.30 8.32 30.00
C LYS A 144 -16.18 9.61 30.81
N SER A 145 -15.04 10.28 30.65
CA SER A 145 -14.81 11.53 31.39
C SER A 145 -15.89 12.58 31.10
N LEU A 146 -16.40 12.60 29.87
CA LEU A 146 -17.44 13.56 29.48
C LEU A 146 -18.84 13.12 29.86
N GLY A 147 -18.99 11.91 30.37
CA GLY A 147 -20.27 11.50 30.87
C GLY A 147 -20.88 10.27 30.27
N ALA A 148 -20.15 9.57 29.37
CA ALA A 148 -20.67 8.37 28.77
C ALA A 148 -20.81 7.27 29.79
N SER A 149 -21.80 6.44 29.56
CA SER A 149 -22.05 5.33 30.43
C SER A 149 -20.93 4.29 30.35
N ASP A 150 -20.84 3.45 31.37
CA ASP A 150 -19.92 2.27 31.37
C ASP A 150 -20.13 1.36 30.19
N GLU A 151 -21.38 1.20 29.78
CA GLU A 151 -21.74 0.41 28.61
CA GLU A 151 -21.70 0.38 28.62
C GLU A 151 -21.17 1.00 27.32
N VAL A 152 -21.36 2.30 27.15
CA VAL A 152 -20.85 3.00 25.99
C VAL A 152 -19.32 2.94 25.97
N THR A 153 -18.72 3.20 27.12
CA THR A 153 -17.28 3.26 27.23
C THR A 153 -16.63 1.92 26.83
N GLN A 154 -17.15 0.82 27.34
CA GLN A 154 -16.64 -0.49 26.97
C GLN A 154 -16.88 -0.80 25.49
N LYS A 155 -18.02 -0.42 24.96
CA LYS A 155 -18.28 -0.55 23.54
CA LYS A 155 -18.29 -0.56 23.52
C LYS A 155 -17.22 0.18 22.70
N ILE A 156 -16.84 1.40 23.11
CA ILE A 156 -15.82 2.11 22.39
C ILE A 156 -14.46 1.35 22.43
N ARG A 157 -14.10 0.86 23.60
CA ARG A 157 -12.86 0.08 23.74
C ARG A 157 -12.82 -1.13 22.83
N GLU A 158 -13.97 -1.76 22.61
CA GLU A 158 -14.09 -2.94 21.79
C GLU A 158 -14.42 -2.64 20.35
N GLY A 159 -14.58 -1.38 20.01
CA GLY A 159 -14.94 -0.99 18.63
C GLY A 159 -16.32 -1.46 18.19
N GLY A 160 -17.22 -1.56 19.17
CA GLY A 160 -18.57 -2.05 18.94
C GLY A 160 -19.42 -1.32 17.93
N ALA A 161 -19.22 -0.01 17.75
CA ALA A 161 -20.00 0.69 16.77
C ALA A 161 -19.26 0.84 15.43
N LYS A 162 -18.10 0.21 15.25
CA LYS A 162 -17.32 0.44 14.02
C LYS A 162 -17.97 -0.12 12.79
N GLU A 163 -18.50 -1.34 12.90
CA GLU A 163 -19.11 -1.93 11.75
C GLU A 163 -20.26 -1.07 11.23
N ASP A 164 -21.14 -0.63 12.11
CA ASP A 164 -22.21 0.26 11.67
C ASP A 164 -21.74 1.64 11.25
N PHE A 165 -20.75 2.16 11.92
CA PHE A 165 -20.17 3.41 11.47
C PHE A 165 -19.67 3.32 10.01
N ARG A 166 -18.92 2.26 9.69
CA ARG A 166 -18.44 2.05 8.31
C ARG A 166 -19.60 1.94 7.32
N LYS A 167 -20.65 1.20 7.68
CA LYS A 167 -21.83 1.10 6.81
CA LYS A 167 -21.83 1.10 6.81
C LYS A 167 -22.46 2.47 6.59
N PHE A 168 -22.57 3.26 7.68
CA PHE A 168 -23.08 4.63 7.56
C PHE A 168 -22.17 5.51 6.72
N ALA A 169 -20.89 5.40 6.96
CA ALA A 169 -19.93 6.22 6.23
C ALA A 169 -20.03 5.91 4.73
N GLU A 170 -20.14 4.63 4.37
CA GLU A 170 -20.24 4.28 2.93
CA GLU A 170 -20.29 4.22 2.95
C GLU A 170 -21.55 4.82 2.32
N ALA A 171 -22.67 4.65 3.01
CA ALA A 171 -23.96 5.21 2.54
C ALA A 171 -23.93 6.72 2.40
N ASN A 172 -23.28 7.40 3.37
CA ASN A 172 -23.19 8.81 3.31
C ASN A 172 -22.30 9.29 2.20
N SER A 173 -21.21 8.59 1.90
CA SER A 173 -20.40 9.03 0.78
CA SER A 173 -20.35 8.95 0.76
C SER A 173 -21.12 8.78 -0.55
N LYS A 174 -21.89 7.71 -0.65
CA LYS A 174 -22.67 7.49 -1.86
C LYS A 174 -23.76 8.54 -2.05
N LYS A 175 -24.44 8.94 -0.95
CA LYS A 175 -25.39 10.03 -0.99
C LYS A 175 -24.72 11.32 -1.39
N LEU A 176 -23.52 11.58 -0.88
CA LEU A 176 -22.83 12.81 -1.22
C LEU A 176 -22.38 12.80 -2.69
N GLU A 177 -21.95 11.65 -3.17
CA GLU A 177 -21.62 11.54 -4.59
C GLU A 177 -22.81 11.82 -5.48
N LYS A 178 -23.96 11.26 -5.11
CA LYS A 178 -25.20 11.43 -5.86
C LYS A 178 -25.66 12.89 -5.82
N ASP A 179 -25.68 13.50 -4.63
CA ASP A 179 -26.19 14.86 -4.53
C ASP A 179 -25.16 15.95 -4.84
N GLY A 180 -23.87 15.62 -4.76
CA GLY A 180 -22.82 16.63 -4.82
C GLY A 180 -21.56 16.30 -5.60
N GLY A 181 -21.58 15.21 -6.37
CA GLY A 181 -20.54 14.97 -7.37
C GLY A 181 -19.30 14.23 -6.90
N SER A 182 -18.81 14.55 -5.71
CA SER A 182 -17.56 14.01 -5.24
C SER A 182 -17.53 14.11 -3.71
N VAL A 183 -16.62 13.36 -3.12
CA VAL A 183 -16.53 13.24 -1.66
C VAL A 183 -15.48 14.19 -1.13
N SER A 184 -15.94 15.13 -0.30
CA SER A 184 -15.07 16.05 0.38
C SER A 184 -15.87 16.54 1.62
N SER A 185 -15.26 17.33 2.47
CA SER A 185 -15.89 17.77 3.71
CA SER A 185 -15.90 17.80 3.70
C SER A 185 -15.21 19.08 4.16
N PRO A 186 -15.95 19.96 4.86
CA PRO A 186 -17.36 19.89 5.15
C PRO A 186 -18.25 20.20 3.94
N ARG A 187 -19.47 19.67 3.97
CA ARG A 187 -20.49 20.02 2.98
C ARG A 187 -21.82 20.20 3.70
N VAL A 188 -22.61 21.18 3.27
CA VAL A 188 -23.91 21.41 3.86
C VAL A 188 -24.98 21.52 2.76
N PHE A 189 -26.11 20.89 2.96
CA PHE A 189 -27.26 20.99 2.08
C PHE A 189 -28.44 21.42 2.93
N ILE A 190 -29.28 22.26 2.36
CA ILE A 190 -30.50 22.73 3.00
C ILE A 190 -31.64 22.20 2.13
N ASP A 191 -32.45 21.29 2.68
CA ASP A 191 -33.53 20.68 1.91
C ASP A 191 -33.07 20.20 0.54
N GLY A 192 -31.95 19.47 0.50
CA GLY A 192 -31.45 18.90 -0.75
C GLY A 192 -30.62 19.81 -1.65
N LYS A 193 -30.49 21.07 -1.28
CA LYS A 193 -29.78 22.08 -2.06
CA LYS A 193 -29.75 22.03 -2.09
C LYS A 193 -28.46 22.42 -1.39
N GLU A 194 -27.34 22.21 -2.10
CA GLU A 194 -26.07 22.42 -1.49
C GLU A 194 -25.80 23.91 -1.27
N VAL A 195 -25.23 24.22 -0.12
CA VAL A 195 -24.64 25.53 0.18
C VAL A 195 -23.21 25.59 -0.34
N LYS A 196 -23.02 26.15 -1.54
CA LYS A 196 -21.69 26.27 -2.14
C LYS A 196 -21.00 27.55 -1.78
N ASN A 197 -21.77 28.61 -1.67
CA ASN A 197 -21.26 29.92 -1.42
C ASN A 197 -21.68 30.41 -0.04
N GLY A 198 -20.82 31.18 0.62
CA GLY A 198 -21.11 31.75 1.95
C GLY A 198 -21.40 30.62 2.95
N ILE A 199 -20.55 29.60 2.93
CA ILE A 199 -20.74 28.46 3.82
C ILE A 199 -20.68 28.85 5.30
N GLU A 200 -19.91 29.88 5.63
CA GLU A 200 -19.85 30.35 7.02
C GLU A 200 -21.18 30.85 7.53
N THR A 201 -22.08 31.18 6.62
CA THR A 201 -23.37 31.71 6.99
C THR A 201 -24.50 30.75 6.67
N TRP A 202 -24.19 29.46 6.57
CA TRP A 202 -25.21 28.51 6.18
C TRP A 202 -26.41 28.50 7.13
N VAL A 203 -26.17 28.72 8.42
CA VAL A 203 -27.26 28.64 9.39
C VAL A 203 -28.24 29.83 9.12
N GLU A 204 -27.68 31.00 8.86
CA GLU A 204 -28.53 32.17 8.47
C GLU A 204 -29.32 31.84 7.23
N GLN A 205 -28.66 31.22 6.28
CA GLN A 205 -29.28 30.85 5.02
C GLN A 205 -30.39 29.86 5.25
N ALA A 206 -30.19 28.92 6.16
CA ALA A 206 -31.22 27.93 6.49
C ALA A 206 -32.42 28.50 7.23
N THR A 207 -32.20 29.55 8.01
CA THR A 207 -33.27 30.11 8.87
C THR A 207 -33.91 31.28 8.18
N SER A 208 -33.45 31.52 6.95
CA SER A 208 -33.92 32.52 6.01
C SER A 208 -33.23 33.79 6.40
N LYS B 7 -17.50 32.97 -7.62
CA LYS B 7 -18.59 32.03 -7.32
C LYS B 7 -18.13 30.56 -7.29
N ALA B 8 -18.57 29.82 -6.28
CA ALA B 8 -18.21 28.42 -6.13
C ALA B 8 -19.12 27.62 -7.05
N HIS B 9 -18.55 26.68 -7.79
CA HIS B 9 -19.26 25.76 -8.67
C HIS B 9 -19.40 24.32 -8.14
N GLN B 10 -18.35 23.82 -7.49
CA GLN B 10 -18.38 22.50 -6.85
C GLN B 10 -17.92 22.60 -5.41
N ALA B 11 -18.68 21.91 -4.56
CA ALA B 11 -18.48 21.89 -3.14
C ALA B 11 -18.42 23.34 -2.60
N ASN B 12 -17.49 23.67 -1.73
CA ASN B 12 -17.42 25.02 -1.21
C ASN B 12 -15.98 25.28 -0.94
N LYS B 13 -15.67 26.49 -0.47
CA LYS B 13 -14.28 26.90 -0.33
C LYS B 13 -13.57 26.29 0.88
N TYR B 14 -14.32 25.74 1.81
CA TYR B 14 -13.72 25.03 2.94
C TYR B 14 -13.38 23.58 2.57
N ALA B 15 -13.99 23.02 1.53
CA ALA B 15 -13.98 21.57 1.35
C ALA B 15 -12.58 20.97 1.13
N ASP B 16 -12.27 19.97 1.94
CA ASP B 16 -10.98 19.23 1.93
C ASP B 16 -11.23 17.90 1.24
N TYR B 17 -10.28 17.47 0.43
CA TYR B 17 -10.33 16.17 -0.30
C TYR B 17 -9.20 15.30 0.24
N ASP B 18 -9.34 13.99 0.17
CA ASP B 18 -8.25 13.13 0.57
C ASP B 18 -7.12 13.21 -0.46
N LYS B 19 -5.88 13.19 -0.01
CA LYS B 19 -4.77 13.35 -0.93
C LYS B 19 -3.64 12.40 -0.55
N GLU B 20 -3.53 11.34 -1.33
CA GLU B 20 -2.49 10.33 -1.18
C GLU B 20 -1.15 10.99 -1.43
N SER B 21 -0.19 10.63 -0.62
CA SER B 21 1.18 11.07 -0.82
C SER B 21 1.87 10.20 -1.89
N VAL B 22 2.56 10.82 -2.85
CA VAL B 22 3.34 10.07 -3.83
C VAL B 22 4.77 10.57 -3.92
N SER B 23 5.71 9.67 -4.19
CA SER B 23 7.12 10.07 -4.14
C SER B 23 7.73 10.25 -5.53
N PHE B 24 6.97 9.93 -6.56
CA PHE B 24 7.43 10.09 -7.94
C PHE B 24 7.30 11.51 -8.45
N THR B 25 7.97 11.79 -9.57
CA THR B 25 7.85 13.04 -10.28
C THR B 25 7.37 12.75 -11.74
N GLY B 26 7.28 13.79 -12.54
CA GLY B 26 6.79 13.65 -13.90
C GLY B 26 7.36 14.64 -14.88
N SER B 27 6.98 14.49 -16.14
CA SER B 27 7.31 15.45 -17.17
C SER B 27 6.31 15.24 -18.29
N VAL B 28 6.00 16.28 -19.05
CA VAL B 28 5.15 16.14 -20.22
C VAL B 28 6.11 16.09 -21.43
N THR B 29 6.16 14.94 -22.08
CA THR B 29 7.08 14.66 -23.22
C THR B 29 6.47 13.70 -24.21
N ASP B 30 6.66 13.97 -25.51
CA ASP B 30 6.20 13.07 -26.56
C ASP B 30 4.71 12.74 -26.43
N SER B 31 3.92 13.75 -26.13
CA SER B 31 2.46 13.64 -25.97
C SER B 31 1.98 12.84 -24.75
N ALA B 32 2.89 12.48 -23.87
CA ALA B 32 2.57 11.70 -22.69
C ALA B 32 2.90 12.47 -21.42
N ILE B 33 2.15 12.13 -20.39
CA ILE B 33 2.48 12.51 -19.00
C ILE B 33 3.29 11.36 -18.44
N VAL B 34 4.59 11.59 -18.26
CA VAL B 34 5.51 10.52 -17.92
C VAL B 34 5.80 10.52 -16.44
N LEU B 35 5.44 9.46 -15.74
CA LEU B 35 5.71 9.36 -14.30
C LEU B 35 6.87 8.42 -14.00
N LYS B 36 7.79 8.89 -13.16
CA LYS B 36 9.02 8.18 -12.90
CA LYS B 36 9.02 8.18 -12.88
C LYS B 36 9.55 8.57 -11.53
N ALA B 37 10.26 7.68 -10.88
CA ALA B 37 10.81 8.01 -9.59
C ALA B 37 12.32 8.25 -9.68
N VAL B 38 12.88 8.85 -8.64
CA VAL B 38 14.37 8.96 -8.53
C VAL B 38 15.04 7.58 -8.34
N ASN B 39 14.27 6.57 -7.94
CA ASN B 39 14.75 5.19 -7.91
C ASN B 39 14.74 4.44 -9.24
N ALA B 40 14.31 5.08 -10.33
CA ALA B 40 14.15 4.36 -11.58
C ALA B 40 15.40 3.51 -11.86
N LYS B 41 15.19 2.24 -12.18
CA LYS B 41 16.29 1.33 -12.37
C LYS B 41 16.73 1.37 -13.81
N LYS B 42 18.01 1.13 -14.05
CA LYS B 42 18.46 1.20 -15.44
C LYS B 42 17.86 0.08 -16.31
N ASP B 43 17.18 -0.88 -15.70
CA ASP B 43 16.42 -1.87 -16.48
C ASP B 43 14.89 -1.79 -16.26
N ALA B 44 14.39 -0.63 -15.81
CA ALA B 44 12.95 -0.40 -15.68
C ALA B 44 12.29 -0.60 -17.00
N LYS B 45 11.05 -1.06 -16.97
CA LYS B 45 10.29 -1.24 -18.17
C LYS B 45 9.48 0.01 -18.43
N LYS B 46 9.36 0.37 -19.71
CA LYS B 46 8.60 1.53 -20.11
C LYS B 46 7.17 1.11 -20.42
N ILE B 47 6.21 1.77 -19.79
CA ILE B 47 4.80 1.47 -20.00
C ILE B 47 4.15 2.59 -20.82
N ASP B 48 3.47 2.22 -21.92
CA ASP B 48 2.49 3.10 -22.59
C ASP B 48 1.07 2.72 -22.15
N PHE B 49 0.45 3.68 -21.45
CA PHE B 49 -0.86 3.43 -20.81
CA PHE B 49 -0.86 3.45 -20.81
C PHE B 49 -1.87 4.43 -21.41
N TYR B 50 -2.82 3.93 -22.21
CA TYR B 50 -3.75 4.75 -22.91
C TYR B 50 -5.06 4.74 -22.17
N GLU B 51 -5.61 5.92 -21.93
CA GLU B 51 -6.89 6.03 -21.28
C GLU B 51 -7.62 7.26 -21.74
N ASP B 52 -8.90 7.29 -21.42
CA ASP B 52 -9.79 8.41 -21.78
C ASP B 52 -10.64 8.61 -20.55
N PHE B 53 -10.79 9.86 -20.14
CA PHE B 53 -11.51 10.20 -18.88
C PHE B 53 -13.01 9.95 -18.92
N SER B 54 -13.59 9.58 -20.08
CA SER B 54 -14.99 9.23 -20.11
C SER B 54 -15.19 7.75 -20.23
N CYS B 55 -14.09 6.99 -20.17
CA CYS B 55 -14.11 5.54 -20.41
C CYS B 55 -14.37 4.78 -19.09
N PRO B 56 -15.54 4.13 -18.97
CA PRO B 56 -15.86 3.41 -17.75
C PRO B 56 -14.88 2.28 -17.40
N HIS B 57 -14.41 1.54 -18.40
CA HIS B 57 -13.48 0.45 -18.05
C HIS B 57 -12.09 0.97 -17.72
N CYS B 58 -11.72 2.17 -18.16
CA CYS B 58 -10.49 2.79 -17.66
C CYS B 58 -10.58 3.05 -16.17
N ALA B 59 -11.71 3.58 -15.75
CA ALA B 59 -11.95 3.78 -14.31
C ALA B 59 -11.92 2.44 -13.54
N GLU B 60 -12.54 1.40 -14.07
CA GLU B 60 -12.59 0.10 -13.41
CA GLU B 60 -12.57 0.12 -13.39
C GLU B 60 -11.18 -0.51 -13.34
N LEU B 61 -10.41 -0.41 -14.43
CA LEU B 61 -9.04 -0.93 -14.40
C LEU B 61 -8.19 -0.16 -13.37
N GLY B 62 -8.33 1.15 -13.37
CA GLY B 62 -7.58 1.99 -12.43
C GLY B 62 -7.81 1.58 -10.98
N GLU B 63 -9.07 1.28 -10.64
CA GLU B 63 -9.36 0.87 -9.27
CA GLU B 63 -9.47 0.77 -9.32
C GLU B 63 -8.62 -0.43 -8.89
N VAL B 64 -8.32 -1.29 -9.84
CA VAL B 64 -7.57 -2.51 -9.59
C VAL B 64 -6.05 -2.32 -9.70
N THR B 65 -5.58 -1.47 -10.61
CA THR B 65 -4.15 -1.43 -10.88
C THR B 65 -3.46 -0.14 -10.48
N ASP B 66 -4.20 0.91 -10.15
CA ASP B 66 -3.55 2.23 -9.86
C ASP B 66 -2.61 2.13 -8.63
N GLY B 67 -3.06 1.43 -7.61
CA GLY B 67 -2.25 1.25 -6.38
C GLY B 67 -0.96 0.51 -6.66
N PRO B 68 -1.05 -0.73 -7.17
CA PRO B 68 0.18 -1.40 -7.58
C PRO B 68 1.04 -0.62 -8.60
N MSE B 69 0.42 0.09 -9.56
CA MSE B 69 1.19 0.89 -10.51
CA MSE B 69 1.18 0.90 -10.51
C MSE B 69 1.98 1.94 -9.76
O MSE B 69 3.17 2.15 -10.03
CB MSE B 69 0.26 1.54 -11.53
CB MSE B 69 0.24 1.59 -11.52
CG MSE B 69 1.08 2.31 -12.56
CG MSE B 69 0.98 2.67 -12.30
SE MSE B 69 -0.14 3.20 -13.82
SE MSE B 69 -0.06 3.28 -13.85
CE MSE B 69 -0.22 4.90 -12.89
CE MSE B 69 -1.72 3.82 -12.96
N THR B 70 1.32 2.61 -8.84
CA THR B 70 1.95 3.64 -8.02
C THR B 70 3.22 3.12 -7.29
N LYS B 71 3.11 1.96 -6.67
CA LYS B 71 4.24 1.37 -5.96
C LYS B 71 5.33 0.89 -6.91
N ALA B 72 4.96 0.40 -8.09
CA ALA B 72 5.97 0.03 -9.09
C ALA B 72 6.75 1.24 -9.63
N ILE B 73 6.09 2.37 -9.79
CA ILE B 73 6.76 3.58 -10.22
C ILE B 73 7.72 4.06 -9.11
N GLU B 74 7.21 4.12 -7.89
CA GLU B 74 8.01 4.54 -6.73
C GLU B 74 9.21 3.66 -6.40
N ASN B 75 9.08 2.35 -6.65
CA ASN B 75 10.21 1.44 -6.50
CA ASN B 75 10.19 1.39 -6.53
C ASN B 75 11.22 1.49 -7.65
N GLY B 76 10.89 2.21 -8.72
CA GLY B 76 11.73 2.30 -9.89
C GLY B 76 11.64 1.16 -10.89
N ASP B 77 10.64 0.29 -10.75
CA ASP B 77 10.48 -0.86 -11.64
C ASP B 77 9.94 -0.49 -13.02
N ILE B 78 9.11 0.55 -13.06
CA ILE B 78 8.51 1.02 -14.27
C ILE B 78 8.56 2.54 -14.38
N VAL B 79 8.46 2.99 -15.60
CA VAL B 79 8.28 4.38 -15.97
C VAL B 79 7.01 4.36 -16.84
N VAL B 80 6.02 5.16 -16.46
CA VAL B 80 4.73 5.16 -17.08
C VAL B 80 4.45 6.38 -17.93
N ASN B 81 4.27 6.15 -19.22
CA ASN B 81 3.79 7.16 -20.14
CA ASN B 81 3.79 7.16 -20.12
C ASN B 81 2.27 7.13 -20.21
N LEU B 82 1.62 8.06 -19.55
CA LEU B 82 0.17 8.22 -19.64
C LEU B 82 -0.18 8.98 -20.91
N ARG B 83 -0.87 8.28 -21.80
CA ARG B 83 -1.21 8.78 -23.12
C ARG B 83 -2.73 8.94 -23.16
N ILE B 84 -3.18 10.16 -22.94
CA ILE B 84 -4.57 10.42 -22.74
C ILE B 84 -5.25 10.71 -24.09
N LEU B 85 -6.36 10.04 -24.33
CA LEU B 85 -7.13 10.14 -25.52
C LEU B 85 -8.47 10.93 -25.28
N ASN B 86 -9.13 11.38 -26.37
CA ASN B 86 -10.45 11.95 -26.28
C ASN B 86 -11.42 11.39 -27.34
N PHE B 87 -11.14 10.14 -27.76
CA PHE B 87 -11.92 9.50 -28.78
C PHE B 87 -13.37 9.29 -28.40
N LEU B 88 -13.65 9.21 -27.10
CA LEU B 88 -14.99 9.06 -26.66
C LEU B 88 -15.83 10.32 -26.84
N ASP B 89 -15.22 11.47 -27.16
CA ASP B 89 -16.04 12.63 -27.49
C ASP B 89 -16.49 12.60 -28.98
N ARG B 90 -16.02 11.60 -29.75
CA ARG B 90 -16.50 11.29 -31.13
C ARG B 90 -16.17 12.44 -32.06
N ASP B 91 -14.90 12.80 -32.08
CA ASP B 91 -14.42 13.89 -32.96
C ASP B 91 -15.03 15.26 -32.66
N GLY B 92 -15.94 15.35 -31.69
CA GLY B 92 -16.18 16.61 -31.00
C GLY B 92 -14.88 16.97 -30.28
N ASP B 93 -14.56 18.24 -30.15
CA ASP B 93 -13.30 18.59 -29.58
C ASP B 93 -13.44 19.33 -28.26
N ASP B 94 -14.63 19.29 -27.68
CA ASP B 94 -14.81 19.95 -26.39
C ASP B 94 -15.90 19.22 -25.59
N GLY B 95 -15.84 17.90 -25.60
CA GLY B 95 -16.75 17.11 -24.77
C GLY B 95 -16.14 16.80 -23.40
N ASN B 96 -16.72 15.86 -22.68
CA ASN B 96 -16.24 15.55 -21.36
C ASN B 96 -14.79 15.06 -21.37
N SER B 97 -14.44 14.26 -22.36
CA SER B 97 -13.10 13.68 -22.44
C SER B 97 -12.06 14.77 -22.59
N THR B 98 -12.33 15.76 -23.46
CA THR B 98 -11.41 16.91 -23.57
C THR B 98 -11.40 17.82 -22.33
N LYS B 99 -12.58 18.12 -21.74
CA LYS B 99 -12.62 18.99 -20.58
C LYS B 99 -11.85 18.36 -19.42
N ALA B 100 -12.10 17.06 -19.17
CA ALA B 100 -11.41 16.38 -18.08
C ALA B 100 -9.93 16.22 -18.38
N GLY B 101 -9.58 15.85 -19.61
CA GLY B 101 -8.18 15.56 -19.96
C GLY B 101 -7.36 16.84 -19.96
N ALA B 102 -7.94 17.92 -20.42
CA ALA B 102 -7.23 19.20 -20.47
C ALA B 102 -7.09 19.81 -19.10
N ALA B 103 -8.08 19.62 -18.25
CA ALA B 103 -7.97 20.04 -16.87
C ALA B 103 -6.82 19.33 -16.19
N ALA B 104 -6.74 18.01 -16.35
CA ALA B 104 -5.66 17.27 -15.73
C ALA B 104 -4.31 17.66 -16.28
N LEU B 105 -4.24 17.90 -17.58
CA LEU B 105 -2.98 18.29 -18.21
C LEU B 105 -2.51 19.62 -17.66
N ALA B 106 -3.43 20.57 -17.44
CA ALA B 106 -3.04 21.87 -16.86
C ALA B 106 -2.36 21.69 -15.50
N VAL B 107 -2.86 20.75 -14.70
CA VAL B 107 -2.20 20.45 -13.46
C VAL B 107 -0.82 19.82 -13.68
N ALA B 108 -0.72 18.82 -14.55
CA ALA B 108 0.58 18.22 -14.86
C ALA B 108 1.60 19.26 -15.34
N GLN B 109 1.14 20.23 -16.15
CA GLN B 109 2.03 21.31 -16.65
C GLN B 109 2.61 22.20 -15.55
N SER B 110 2.02 22.22 -14.37
CA SER B 110 2.56 22.97 -13.23
C SER B 110 3.64 22.19 -12.45
N GLY B 111 3.85 20.93 -12.83
CA GLY B 111 4.73 20.02 -12.09
C GLY B 111 4.34 19.71 -10.67
N ASP B 112 3.07 19.86 -10.35
CA ASP B 112 2.55 19.49 -9.01
C ASP B 112 2.06 18.05 -9.10
N TRP B 113 2.97 17.12 -8.95
CA TRP B 113 2.66 15.73 -9.28
C TRP B 113 1.69 15.14 -8.28
N GLU B 114 1.77 15.57 -7.02
CA GLU B 114 0.84 15.03 -6.04
C GLU B 114 -0.59 15.50 -6.30
N THR B 115 -0.78 16.76 -6.61
CA THR B 115 -2.11 17.24 -6.99
C THR B 115 -2.55 16.56 -8.26
N TYR B 116 -1.66 16.45 -9.24
CA TYR B 116 -2.05 15.77 -10.51
C TYR B 116 -2.57 14.34 -10.26
N TRP B 117 -1.82 13.59 -9.46
CA TRP B 117 -2.12 12.17 -9.28
C TRP B 117 -3.47 11.99 -8.58
N ASN B 118 -3.70 12.78 -7.57
CA ASN B 118 -4.99 12.71 -6.84
C ASN B 118 -6.19 13.27 -7.67
N TYR B 119 -5.90 14.23 -8.53
CA TYR B 119 -6.92 14.80 -9.43
C TYR B 119 -7.33 13.79 -10.48
N ARG B 120 -6.35 13.15 -11.11
CA ARG B 120 -6.59 12.06 -12.05
C ARG B 120 -7.50 11.02 -11.41
N ALA B 121 -7.10 10.57 -10.22
CA ALA B 121 -7.83 9.52 -9.52
C ALA B 121 -9.30 9.91 -9.31
N LEU B 122 -9.54 11.15 -8.93
CA LEU B 122 -10.87 11.61 -8.61
C LEU B 122 -11.72 11.71 -9.86
N LEU B 123 -11.17 12.24 -10.95
CA LEU B 123 -11.95 12.34 -12.19
C LEU B 123 -12.37 10.93 -12.72
N MSE B 124 -11.51 9.93 -12.54
CA MSE B 124 -11.86 8.55 -12.86
C MSE B 124 -12.85 7.98 -11.89
O MSE B 124 -13.82 7.35 -12.32
CB MSE B 124 -10.60 7.68 -12.92
CG MSE B 124 -9.76 8.08 -14.11
SE MSE B 124 -10.57 7.59 -15.82
CE MSE B 124 -9.03 8.00 -16.99
N LYS B 125 -12.63 8.14 -10.59
CA LYS B 125 -13.54 7.57 -9.62
C LYS B 125 -14.97 8.11 -9.77
N GLU B 126 -15.10 9.40 -10.08
CA GLU B 126 -16.42 10.04 -10.07
C GLU B 126 -16.93 10.26 -11.47
N GLN B 127 -16.29 9.61 -12.42
CA GLN B 127 -16.71 9.70 -13.82
C GLN B 127 -18.21 9.71 -14.01
N LYS B 128 -18.95 8.82 -13.34
CA LYS B 128 -20.39 8.78 -13.62
CA LYS B 128 -20.43 8.70 -13.42
C LYS B 128 -21.15 9.98 -13.08
N ASN B 129 -20.59 10.74 -12.16
CA ASN B 129 -21.22 11.96 -11.68
C ASN B 129 -20.74 13.20 -12.36
N ILE B 130 -19.63 13.07 -13.03
CA ILE B 130 -19.05 14.18 -13.69
C ILE B 130 -19.61 14.26 -15.08
N TYR B 131 -19.71 13.09 -15.73
CA TYR B 131 -19.92 13.01 -17.20
C TYR B 131 -21.17 13.74 -17.61
N GLY B 132 -21.02 14.77 -18.44
CA GLY B 132 -22.16 15.55 -18.92
C GLY B 132 -22.77 16.52 -17.91
N LYS B 133 -22.26 16.51 -16.68
CA LYS B 133 -22.75 17.40 -15.66
C LYS B 133 -21.80 18.54 -15.39
N TRP B 134 -20.48 18.31 -15.51
CA TRP B 134 -19.48 19.35 -15.24
C TRP B 134 -19.04 20.14 -16.46
N GLY B 135 -18.81 21.42 -16.24
CA GLY B 135 -18.12 22.28 -17.21
C GLY B 135 -16.78 22.69 -16.68
N ASP B 136 -16.10 23.53 -17.46
CA ASP B 136 -14.76 23.87 -17.11
C ASP B 136 -14.60 24.50 -15.70
N ASN B 137 -15.52 25.36 -15.29
CA ASN B 137 -15.46 25.88 -13.93
C ASN B 137 -15.56 24.83 -12.82
N ASP B 138 -16.27 23.72 -13.07
CA ASP B 138 -16.36 22.69 -12.11
C ASP B 138 -15.03 21.96 -11.98
N PHE B 139 -14.43 21.62 -13.12
CA PHE B 139 -13.07 21.04 -13.14
C PHE B 139 -12.08 21.94 -12.41
N ALA B 140 -12.20 23.25 -12.64
CA ALA B 140 -11.28 24.18 -11.99
C ALA B 140 -11.42 24.24 -10.50
N ASP B 141 -12.66 24.30 -10.00
CA ASP B 141 -12.92 24.33 -8.58
C ASP B 141 -12.32 23.14 -7.87
N VAL B 142 -12.51 21.97 -8.44
CA VAL B 142 -12.04 20.76 -7.83
C VAL B 142 -10.53 20.72 -7.82
N ALA B 143 -9.90 21.18 -8.89
CA ALA B 143 -8.45 21.24 -8.94
C ALA B 143 -7.92 22.14 -7.83
N LYS B 144 -8.54 23.31 -7.68
CA LYS B 144 -8.16 24.23 -6.60
C LYS B 144 -8.33 23.61 -5.22
N SER B 145 -9.47 22.96 -4.99
CA SER B 145 -9.71 22.28 -3.75
C SER B 145 -8.68 21.22 -3.46
N LEU B 146 -8.20 20.51 -4.47
CA LEU B 146 -7.14 19.48 -4.27
C LEU B 146 -5.72 20.06 -4.19
N GLY B 147 -5.59 21.38 -4.26
CA GLY B 147 -4.28 21.98 -4.09
C GLY B 147 -3.64 22.61 -5.28
N ALA B 148 -4.35 22.66 -6.42
CA ALA B 148 -3.80 23.39 -7.54
C ALA B 148 -3.65 24.88 -7.25
N SER B 149 -2.64 25.46 -7.81
CA SER B 149 -2.43 26.89 -7.62
C SER B 149 -3.49 27.68 -8.35
N ASP B 150 -3.62 28.97 -8.02
CA ASP B 150 -4.60 29.75 -8.74
CA ASP B 150 -4.57 29.83 -8.72
C ASP B 150 -4.26 29.93 -10.20
N GLU B 151 -2.97 29.99 -10.57
CA GLU B 151 -2.62 30.08 -11.99
CA GLU B 151 -2.58 30.04 -11.98
C GLU B 151 -3.13 28.85 -12.78
N VAL B 152 -2.98 27.67 -12.20
CA VAL B 152 -3.49 26.43 -12.80
C VAL B 152 -5.02 26.47 -12.92
N THR B 153 -5.66 26.84 -11.83
CA THR B 153 -7.11 26.91 -11.74
C THR B 153 -7.65 27.86 -12.81
N GLN B 154 -7.03 29.03 -12.96
CA GLN B 154 -7.54 29.98 -13.95
C GLN B 154 -7.31 29.45 -15.35
N LYS B 155 -6.18 28.76 -15.53
CA LYS B 155 -5.90 28.15 -16.77
C LYS B 155 -6.98 27.15 -17.12
N ILE B 156 -7.40 26.36 -16.15
CA ILE B 156 -8.47 25.39 -16.38
C ILE B 156 -9.80 26.12 -16.76
N ARG B 157 -10.12 27.19 -16.06
CA ARG B 157 -11.38 27.93 -16.35
C ARG B 157 -11.34 28.49 -17.78
N GLU B 158 -10.15 28.82 -18.29
CA GLU B 158 -9.98 29.41 -19.61
C GLU B 158 -9.72 28.36 -20.69
N GLY B 159 -9.68 27.08 -20.33
CA GLY B 159 -9.40 26.07 -21.34
C GLY B 159 -8.00 26.21 -21.91
N GLY B 160 -7.07 26.73 -21.11
CA GLY B 160 -5.70 27.00 -21.49
C GLY B 160 -4.82 25.86 -21.95
N ALA B 161 -5.14 24.63 -21.53
CA ALA B 161 -4.39 23.47 -21.94
C ALA B 161 -5.13 22.66 -23.01
N LYS B 162 -6.29 23.16 -23.52
CA LYS B 162 -7.08 22.38 -24.46
C LYS B 162 -6.37 22.17 -25.79
N GLU B 163 -5.67 23.20 -26.21
CA GLU B 163 -5.00 23.16 -27.49
CA GLU B 163 -4.96 23.13 -27.51
C GLU B 163 -3.87 22.08 -27.46
N ASP B 164 -3.07 22.09 -26.40
CA ASP B 164 -2.02 21.10 -26.25
C ASP B 164 -2.61 19.70 -26.04
N PHE B 165 -3.69 19.66 -25.25
CA PHE B 165 -4.35 18.39 -24.96
C PHE B 165 -4.84 17.74 -26.26
N ARG B 166 -5.52 18.51 -27.10
CA ARG B 166 -6.02 17.97 -28.36
C ARG B 166 -4.90 17.49 -29.28
N LYS B 167 -3.82 18.25 -29.34
CA LYS B 167 -2.66 17.82 -30.11
C LYS B 167 -2.09 16.50 -29.61
N PHE B 168 -1.98 16.35 -28.27
CA PHE B 168 -1.46 15.15 -27.70
C PHE B 168 -2.41 14.01 -27.95
N ALA B 169 -3.71 14.25 -27.80
CA ALA B 169 -4.69 13.19 -27.93
C ALA B 169 -4.68 12.66 -29.36
N GLU B 170 -4.52 13.55 -30.32
CA GLU B 170 -4.49 13.13 -31.73
CA GLU B 170 -4.45 13.18 -31.74
C GLU B 170 -3.24 12.27 -32.00
N ALA B 171 -2.08 12.68 -31.51
CA ALA B 171 -0.84 11.92 -31.62
C ALA B 171 -0.94 10.57 -30.97
N ASN B 172 -1.60 10.53 -29.80
CA ASN B 172 -1.74 9.29 -29.11
C ASN B 172 -2.68 8.35 -29.84
N SER B 173 -3.80 8.84 -30.37
CA SER B 173 -4.68 8.01 -31.19
C SER B 173 -3.92 7.40 -32.39
N LYS B 174 -3.12 8.23 -33.06
CA LYS B 174 -2.36 7.76 -34.24
C LYS B 174 -1.35 6.68 -33.85
N LYS B 175 -0.68 6.85 -32.71
CA LYS B 175 0.29 5.88 -32.22
C LYS B 175 -0.37 4.55 -31.91
N LEU B 176 -1.54 4.66 -31.29
CA LEU B 176 -2.31 3.52 -30.92
C LEU B 176 -2.86 2.75 -32.13
N GLU B 177 -3.32 3.49 -33.15
CA GLU B 177 -3.72 2.90 -34.42
C GLU B 177 -2.58 2.11 -35.04
N LYS B 178 -1.38 2.65 -35.04
CA LYS B 178 -0.20 1.93 -35.58
C LYS B 178 0.34 0.82 -34.70
N ASP B 179 0.37 1.00 -33.38
CA ASP B 179 0.90 -0.02 -32.48
C ASP B 179 -0.14 -1.06 -32.13
N GLY B 180 -1.42 -0.69 -32.18
CA GLY B 180 -2.50 -1.62 -31.84
C GLY B 180 -3.79 -1.55 -32.67
N GLY B 181 -3.70 -1.11 -33.94
CA GLY B 181 -4.74 -1.34 -34.95
C GLY B 181 -6.00 -0.45 -34.97
N SER B 182 -6.63 -0.31 -33.79
CA SER B 182 -7.79 0.57 -33.63
C SER B 182 -7.68 1.32 -32.31
N VAL B 183 -8.50 2.34 -32.15
CA VAL B 183 -8.51 3.13 -30.94
C VAL B 183 -9.56 2.59 -29.98
N SER B 184 -9.12 2.28 -28.76
CA SER B 184 -10.00 1.89 -27.70
C SER B 184 -9.22 2.13 -26.39
N SER B 185 -9.89 1.94 -25.27
CA SER B 185 -9.24 2.17 -23.99
C SER B 185 -9.95 1.41 -22.90
N PRO B 186 -9.21 1.02 -21.83
CA PRO B 186 -7.77 1.20 -21.64
C PRO B 186 -6.89 0.28 -22.45
N ARG B 187 -5.67 0.71 -22.71
CA ARG B 187 -4.66 -0.12 -23.38
C ARG B 187 -3.32 0.01 -22.70
N VAL B 188 -2.61 -1.12 -22.57
CA VAL B 188 -1.37 -1.10 -21.87
C VAL B 188 -0.29 -1.81 -22.72
N PHE B 189 0.87 -1.18 -22.84
CA PHE B 189 2.04 -1.77 -23.53
C PHE B 189 3.24 -1.76 -22.59
N ILE B 190 4.02 -2.85 -22.62
CA ILE B 190 5.24 -2.94 -21.84
C ILE B 190 6.38 -3.07 -22.83
N ASP B 191 7.31 -2.11 -22.81
CA ASP B 191 8.39 -2.07 -23.80
C ASP B 191 7.89 -2.31 -25.23
N GLY B 192 6.78 -1.65 -25.59
CA GLY B 192 6.22 -1.68 -26.92
C GLY B 192 5.38 -2.89 -27.26
N LYS B 193 5.25 -3.85 -26.35
CA LYS B 193 4.40 -5.03 -26.59
C LYS B 193 3.12 -4.94 -25.78
N GLU B 194 1.99 -5.00 -26.46
CA GLU B 194 0.72 -4.83 -25.82
C GLU B 194 0.38 -5.96 -24.86
N VAL B 195 -0.14 -5.59 -23.70
CA VAL B 195 -0.69 -6.54 -22.76
C VAL B 195 -2.12 -6.80 -23.20
N LYS B 196 -2.32 -7.91 -23.93
CA LYS B 196 -3.68 -8.25 -24.39
C LYS B 196 -4.37 -9.19 -23.43
N ASN B 197 -3.61 -10.11 -22.84
CA ASN B 197 -4.20 -11.06 -21.90
C ASN B 197 -3.73 -10.75 -20.51
N GLY B 198 -4.62 -10.92 -19.53
CA GLY B 198 -4.27 -10.75 -18.11
C GLY B 198 -4.02 -9.28 -17.82
N ILE B 199 -4.86 -8.41 -18.40
CA ILE B 199 -4.75 -6.95 -18.23
C ILE B 199 -4.90 -6.48 -16.77
N GLU B 200 -5.69 -7.21 -15.99
CA GLU B 200 -5.79 -6.92 -14.53
C GLU B 200 -4.50 -7.12 -13.77
N THR B 201 -3.57 -7.88 -14.31
CA THR B 201 -2.29 -8.15 -13.65
C THR B 201 -1.15 -7.53 -14.43
N TRP B 202 -1.45 -6.45 -15.14
CA TRP B 202 -0.45 -5.92 -16.04
C TRP B 202 0.76 -5.47 -15.26
N VAL B 203 0.54 -5.01 -14.05
CA VAL B 203 1.65 -4.51 -13.22
C VAL B 203 2.58 -5.67 -12.82
N GLU B 204 2.04 -6.83 -12.53
CA GLU B 204 2.90 -8.03 -12.33
C GLU B 204 3.71 -8.41 -13.53
N GLN B 205 3.12 -8.35 -14.72
CA GLN B 205 3.86 -8.65 -15.92
C GLN B 205 4.99 -7.64 -16.10
N ALA B 206 4.71 -6.41 -15.74
CA ALA B 206 5.66 -5.31 -15.93
C ALA B 206 6.86 -5.42 -15.01
N THR B 207 6.63 -5.96 -13.83
CA THR B 207 7.68 -5.97 -12.82
C THR B 207 8.47 -7.29 -12.89
N SER B 208 8.12 -8.10 -13.89
CA SER B 208 8.70 -9.36 -14.22
C SER B 208 7.69 -10.33 -13.66
N ALA C 11 -4.28 -2.41 0.82
CA ALA C 11 -5.20 -3.47 0.25
C ALA C 11 -4.94 -3.76 -1.24
N ASN C 12 -4.16 -4.81 -1.49
CA ASN C 12 -3.70 -5.20 -2.85
CA ASN C 12 -3.68 -5.23 -2.81
C ASN C 12 -2.58 -4.31 -3.41
N LYS C 13 -2.42 -3.09 -2.91
CA LYS C 13 -1.36 -2.26 -3.50
C LYS C 13 0.06 -2.76 -3.21
N TYR C 14 0.23 -3.58 -2.16
CA TYR C 14 1.53 -4.16 -1.83
C TYR C 14 1.66 -5.61 -2.24
N ALA C 15 0.69 -6.11 -3.00
CA ALA C 15 0.71 -7.46 -3.52
C ALA C 15 1.97 -7.69 -4.37
N ASP C 16 2.38 -6.74 -5.19
CA ASP C 16 3.57 -6.96 -6.03
C ASP C 16 4.85 -6.49 -5.36
N TYR C 17 4.96 -6.59 -4.03
CA TYR C 17 6.07 -5.96 -3.34
C TYR C 17 7.38 -6.58 -3.79
N ASP C 18 8.36 -5.75 -4.09
CA ASP C 18 9.65 -6.23 -4.55
C ASP C 18 10.50 -6.64 -3.34
N LYS C 19 10.29 -7.86 -2.84
CA LYS C 19 10.95 -8.27 -1.62
C LYS C 19 12.44 -8.43 -1.85
N GLU C 20 13.24 -7.88 -0.95
CA GLU C 20 14.68 -8.08 -0.95
CA GLU C 20 14.68 -8.07 -0.96
C GLU C 20 14.98 -9.37 -0.21
N SER C 21 15.94 -10.14 -0.72
CA SER C 21 16.41 -11.32 0.00
C SER C 21 17.54 -10.88 0.92
N VAL C 22 17.62 -11.45 2.11
CA VAL C 22 18.75 -11.16 2.99
C VAL C 22 19.25 -12.43 3.66
N SER C 23 20.54 -12.41 3.96
CA SER C 23 21.19 -13.60 4.48
C SER C 23 21.41 -13.53 5.98
N PHE C 24 21.19 -12.35 6.57
CA PHE C 24 21.45 -12.18 8.01
C PHE C 24 20.35 -12.77 8.85
N THR C 25 20.63 -12.92 10.12
CA THR C 25 19.70 -13.41 11.09
C THR C 25 19.58 -12.31 12.15
N GLY C 26 18.94 -12.62 13.27
CA GLY C 26 18.76 -11.65 14.31
C GLY C 26 18.18 -12.28 15.55
N SER C 27 17.90 -11.43 16.53
CA SER C 27 17.26 -11.84 17.76
C SER C 27 16.67 -10.60 18.38
N VAL C 28 15.83 -10.81 19.39
CA VAL C 28 15.26 -9.72 20.15
C VAL C 28 15.88 -9.81 21.52
N THR C 29 16.74 -8.86 21.86
CA THR C 29 17.53 -8.94 23.06
C THR C 29 17.71 -7.56 23.61
N ASP C 30 17.62 -7.40 24.93
CA ASP C 30 17.91 -6.12 25.57
C ASP C 30 17.15 -4.95 24.91
N SER C 31 15.87 -5.16 24.67
CA SER C 31 14.98 -4.18 24.04
C SER C 31 15.24 -3.87 22.56
N ALA C 32 16.27 -4.48 21.97
CA ALA C 32 16.61 -4.22 20.56
C ALA C 32 16.21 -5.37 19.64
N ILE C 33 15.95 -5.02 18.39
CA ILE C 33 15.85 -5.98 17.34
C ILE C 33 17.22 -6.00 16.73
N VAL C 34 17.96 -7.08 16.96
CA VAL C 34 19.37 -7.10 16.61
C VAL C 34 19.56 -7.83 15.28
N LEU C 35 20.23 -7.19 14.33
CA LEU C 35 20.46 -7.79 13.04
C LEU C 35 21.94 -8.09 12.89
N LYS C 36 22.27 -9.27 12.40
CA LYS C 36 23.66 -9.73 12.38
C LYS C 36 23.81 -10.95 11.47
N ALA C 37 24.94 -11.04 10.78
CA ALA C 37 25.35 -12.27 10.12
C ALA C 37 25.83 -13.29 11.17
N VAL C 38 25.60 -14.58 10.91
CA VAL C 38 26.15 -15.64 11.75
C VAL C 38 27.68 -15.55 11.77
N ASN C 39 28.25 -15.04 10.68
CA ASN C 39 29.70 -14.80 10.58
C ASN C 39 30.15 -13.39 11.03
N ALA C 40 29.40 -12.77 11.92
CA ALA C 40 29.81 -11.48 12.50
C ALA C 40 31.21 -11.58 13.07
N LYS C 41 32.08 -10.66 12.65
CA LYS C 41 33.45 -10.62 13.13
C LYS C 41 33.49 -10.34 14.62
N LYS C 42 34.56 -10.79 15.27
CA LYS C 42 34.64 -10.64 16.71
C LYS C 42 34.75 -9.18 17.08
N ASP C 43 35.36 -8.38 16.21
CA ASP C 43 35.45 -6.95 16.41
C ASP C 43 34.45 -6.12 15.59
N ALA C 44 33.37 -6.72 15.09
CA ALA C 44 32.38 -5.97 14.32
C ALA C 44 31.87 -4.78 15.14
N LYS C 45 31.60 -3.68 14.47
CA LYS C 45 31.20 -2.46 15.18
C LYS C 45 29.80 -2.63 15.67
N LYS C 46 29.57 -2.28 16.93
CA LYS C 46 28.26 -2.40 17.51
C LYS C 46 27.46 -1.10 17.30
N ILE C 47 26.32 -1.22 16.63
CA ILE C 47 25.50 -0.06 16.30
C ILE C 47 24.24 -0.01 17.15
N ASP C 48 23.94 1.17 17.68
CA ASP C 48 22.66 1.43 18.31
C ASP C 48 21.98 2.45 17.42
N PHE C 49 20.85 2.06 16.85
CA PHE C 49 20.14 2.85 15.87
C PHE C 49 18.73 3.08 16.42
N TYR C 50 18.42 4.32 16.77
CA TYR C 50 17.17 4.65 17.45
C TYR C 50 16.27 5.25 16.41
N GLU C 51 15.05 4.74 16.34
CA GLU C 51 14.12 5.28 15.37
C GLU C 51 12.71 5.14 15.89
N ASP C 52 11.83 5.93 15.32
CA ASP C 52 10.41 5.92 15.67
C ASP C 52 9.69 5.87 14.32
N PHE C 53 8.77 4.93 14.15
CA PHE C 53 8.12 4.75 12.88
C PHE C 53 7.28 5.92 12.37
N SER C 54 6.95 6.87 13.23
CA SER C 54 6.18 8.04 12.81
C SER C 54 7.05 9.23 12.39
N CYS C 55 8.37 9.03 12.41
CA CYS C 55 9.36 10.10 12.21
C CYS C 55 9.82 10.20 10.77
N PRO C 56 9.57 11.34 10.11
CA PRO C 56 10.05 11.48 8.71
C PRO C 56 11.57 11.44 8.51
N HIS C 57 12.34 11.93 9.47
CA HIS C 57 13.79 11.93 9.31
C HIS C 57 14.35 10.50 9.42
N CYS C 58 13.70 9.64 10.20
CA CYS C 58 14.06 8.21 10.23
C CYS C 58 13.85 7.55 8.83
N ALA C 59 12.72 7.87 8.16
CA ALA C 59 12.43 7.36 6.80
C ALA C 59 13.43 7.82 5.74
N GLU C 60 13.82 9.09 5.77
CA GLU C 60 14.80 9.58 4.81
CA GLU C 60 14.80 9.60 4.83
C GLU C 60 16.12 8.84 4.96
N LEU C 61 16.60 8.75 6.21
CA LEU C 61 17.89 8.16 6.49
C LEU C 61 17.92 6.73 5.96
N GLY C 62 16.86 5.98 6.29
CA GLY C 62 16.69 4.63 5.82
C GLY C 62 16.83 4.43 4.32
N GLU C 63 16.25 5.32 3.52
CA GLU C 63 16.39 5.26 2.06
CA GLU C 63 16.38 5.24 2.07
C GLU C 63 17.87 5.33 1.66
N VAL C 64 18.61 6.22 2.32
CA VAL C 64 20.04 6.38 2.04
C VAL C 64 20.93 5.34 2.74
N THR C 65 20.55 4.84 3.90
CA THR C 65 21.44 3.92 4.64
C THR C 65 21.12 2.43 4.51
N ASP C 66 19.87 2.06 4.21
CA ASP C 66 19.47 0.66 4.25
C ASP C 66 20.37 -0.23 3.39
N GLY C 67 20.64 0.21 2.16
CA GLY C 67 21.42 -0.60 1.23
C GLY C 67 22.82 -0.90 1.76
N PRO C 68 23.63 0.15 2.00
CA PRO C 68 24.96 0.03 2.65
C PRO C 68 24.93 -0.76 3.96
N MSE C 69 23.88 -0.60 4.78
CA MSE C 69 23.81 -1.27 6.09
C MSE C 69 23.62 -2.75 5.88
O MSE C 69 24.25 -3.58 6.57
CB MSE C 69 22.66 -0.63 6.88
CG MSE C 69 22.59 -1.17 8.29
SE MSE C 69 20.93 -0.68 9.25
CE MSE C 69 20.22 0.74 8.04
N THR C 70 22.76 -3.10 4.91
CA THR C 70 22.60 -4.48 4.47
C THR C 70 23.96 -5.09 4.12
N LYS C 71 24.72 -4.40 3.29
CA LYS C 71 26.01 -4.95 2.86
C LYS C 71 26.87 -5.15 4.09
N ALA C 72 26.92 -4.14 4.97
CA ALA C 72 27.82 -4.20 6.11
C ALA C 72 27.43 -5.29 7.06
N ILE C 73 26.13 -5.51 7.27
CA ILE C 73 25.70 -6.60 8.13
C ILE C 73 26.14 -7.94 7.53
N GLU C 74 25.81 -8.11 6.26
CA GLU C 74 26.08 -9.36 5.53
C GLU C 74 27.56 -9.67 5.43
N ASN C 75 28.40 -8.63 5.32
CA ASN C 75 29.85 -8.76 5.48
C ASN C 75 30.34 -9.24 6.85
N GLY C 76 29.55 -9.01 7.89
CA GLY C 76 29.97 -9.26 9.27
C GLY C 76 30.73 -8.09 9.89
N ASP C 77 30.66 -6.92 9.26
CA ASP C 77 31.37 -5.74 9.72
C ASP C 77 30.64 -4.97 10.82
N ILE C 78 29.31 -5.12 10.87
CA ILE C 78 28.51 -4.50 11.90
C ILE C 78 27.45 -5.43 12.44
N VAL C 79 27.05 -5.13 13.66
CA VAL C 79 25.91 -5.72 14.31
C VAL C 79 25.01 -4.51 14.64
N VAL C 80 23.78 -4.54 14.15
CA VAL C 80 22.86 -3.40 14.34
C VAL C 80 21.80 -3.69 15.36
N ASN C 81 21.76 -2.87 16.41
CA ASN C 81 20.73 -2.99 17.41
C ASN C 81 19.68 -1.95 17.12
N LEU C 82 18.55 -2.35 16.54
CA LEU C 82 17.49 -1.39 16.19
C LEU C 82 16.66 -1.17 17.45
N ARG C 83 16.73 0.06 17.98
CA ARG C 83 16.07 0.43 19.23
C ARG C 83 14.93 1.37 18.92
N ILE C 84 13.73 0.80 18.91
CA ILE C 84 12.60 1.51 18.37
C ILE C 84 11.86 2.21 19.52
N LEU C 85 11.52 3.47 19.26
CA LEU C 85 10.87 4.36 20.20
C LEU C 85 9.42 4.61 19.76
N ASN C 86 8.63 5.12 20.70
CA ASN C 86 7.29 5.58 20.38
C ASN C 86 7.02 6.97 20.94
N PHE C 87 8.07 7.77 21.09
CA PHE C 87 7.94 9.08 21.72
C PHE C 87 7.05 10.03 20.93
N LEU C 88 6.99 9.85 19.61
CA LEU C 88 6.14 10.70 18.82
C LEU C 88 4.65 10.50 19.07
N ASP C 89 4.27 9.47 19.79
CA ASP C 89 2.86 9.29 20.16
C ASP C 89 2.49 10.12 21.42
N ARG C 90 3.46 10.83 21.98
CA ARG C 90 3.21 11.77 23.10
C ARG C 90 2.59 11.10 24.34
N ASP C 91 3.16 9.95 24.67
CA ASP C 91 2.83 9.16 25.85
CA ASP C 91 2.83 9.18 25.88
C ASP C 91 1.47 8.45 25.82
N GLY C 92 0.83 8.44 24.67
CA GLY C 92 -0.31 7.56 24.49
C GLY C 92 0.26 6.19 24.32
N ASP C 93 -0.52 5.16 24.54
CA ASP C 93 0.03 3.81 24.50
C ASP C 93 -0.41 3.02 23.26
N ASP C 94 -1.13 3.67 22.34
CA ASP C 94 -1.66 2.97 21.19
C ASP C 94 -1.82 3.91 19.98
N GLY C 95 -0.85 4.79 19.79
CA GLY C 95 -0.80 5.64 18.62
C GLY C 95 -0.06 4.96 17.47
N ASN C 96 0.14 5.72 16.40
CA ASN C 96 0.74 5.16 15.21
C ASN C 96 2.13 4.56 15.44
N SER C 97 2.95 5.24 16.25
CA SER C 97 4.29 4.71 16.50
C SER C 97 4.27 3.32 17.14
N THR C 98 3.32 3.09 18.05
CA THR C 98 3.18 1.84 18.71
C THR C 98 2.54 0.81 17.79
N LYS C 99 1.52 1.19 17.03
CA LYS C 99 0.90 0.25 16.10
C LYS C 99 1.92 -0.27 15.10
N ALA C 100 2.69 0.64 14.52
CA ALA C 100 3.71 0.28 13.55
C ALA C 100 4.83 -0.49 14.22
N GLY C 101 5.33 0.02 15.34
CA GLY C 101 6.41 -0.66 15.99
C GLY C 101 6.09 -2.04 16.48
N ALA C 102 4.91 -2.21 17.05
CA ALA C 102 4.48 -3.47 17.60
C ALA C 102 4.19 -4.50 16.51
N ALA C 103 3.69 -4.05 15.37
CA ALA C 103 3.52 -4.91 14.20
C ALA C 103 4.87 -5.46 13.74
N ALA C 104 5.84 -4.57 13.61
CA ALA C 104 7.16 -4.95 13.16
C ALA C 104 7.80 -5.88 14.21
N LEU C 105 7.59 -5.60 15.50
CA LEU C 105 8.18 -6.44 16.53
C LEU C 105 7.59 -7.85 16.55
N ALA C 106 6.29 -7.98 16.33
CA ALA C 106 5.65 -9.26 16.15
C ALA C 106 6.34 -10.11 15.07
N VAL C 107 6.69 -9.50 13.95
CA VAL C 107 7.35 -10.21 12.88
C VAL C 107 8.76 -10.63 13.32
N ALA C 108 9.51 -9.70 13.91
CA ALA C 108 10.88 -10.01 14.40
C ALA C 108 10.89 -11.11 15.45
N GLN C 109 9.88 -11.12 16.30
CA GLN C 109 9.77 -12.13 17.37
C GLN C 109 9.55 -13.53 16.83
N SER C 110 9.04 -13.66 15.62
CA SER C 110 8.87 -14.95 15.00
C SER C 110 10.17 -15.49 14.42
N GLY C 111 11.22 -14.69 14.36
CA GLY C 111 12.47 -15.11 13.73
C GLY C 111 12.47 -15.13 12.21
N ASP C 112 11.48 -14.49 11.64
CA ASP C 112 11.32 -14.41 10.18
C ASP C 112 12.00 -13.13 9.66
N TRP C 113 13.31 -13.18 9.44
CA TRP C 113 14.10 -11.95 9.24
C TRP C 113 13.92 -11.37 7.86
N GLU C 114 13.62 -12.20 6.87
CA GLU C 114 13.31 -11.73 5.48
CA GLU C 114 13.38 -11.66 5.52
C GLU C 114 12.08 -10.85 5.49
N THR C 115 10.98 -11.39 6.07
CA THR C 115 9.76 -10.62 6.13
C THR C 115 10.00 -9.37 6.97
N TYR C 116 10.71 -9.51 8.10
CA TYR C 116 10.91 -8.39 8.99
C TYR C 116 11.57 -7.24 8.23
N TRP C 117 12.65 -7.55 7.55
CA TRP C 117 13.47 -6.54 6.89
C TRP C 117 12.67 -5.77 5.86
N ASN C 118 11.92 -6.51 5.08
CA ASN C 118 11.01 -5.91 4.07
C ASN C 118 9.89 -5.10 4.64
N TYR C 119 9.31 -5.62 5.72
CA TYR C 119 8.22 -4.91 6.40
C TYR C 119 8.67 -3.60 7.01
N ARG C 120 9.81 -3.62 7.74
CA ARG C 120 10.38 -2.37 8.22
C ARG C 120 10.60 -1.38 7.11
N ALA C 121 11.19 -1.84 6.00
CA ALA C 121 11.43 -0.94 4.84
C ALA C 121 10.09 -0.30 4.32
N LEU C 122 9.04 -1.12 4.23
CA LEU C 122 7.74 -0.65 3.73
C LEU C 122 7.11 0.37 4.68
N LEU C 123 7.12 0.07 5.98
CA LEU C 123 6.57 1.01 6.98
C LEU C 123 7.28 2.35 6.93
N MSE C 124 8.57 2.35 6.68
CA MSE C 124 9.28 3.61 6.56
CA MSE C 124 9.33 3.59 6.55
C MSE C 124 9.01 4.32 5.26
O MSE C 124 8.80 5.56 5.26
CB MSE C 124 10.77 3.37 6.84
CB MSE C 124 10.85 3.30 6.62
CG MSE C 124 10.91 3.01 8.31
CG MSE C 124 11.25 2.75 8.00
SE MSE C 124 10.72 4.63 9.42
SE MSE C 124 13.21 2.51 8.22
CE MSE C 124 11.45 3.83 11.07
CE MSE C 124 13.85 2.34 6.38
N LYS C 125 9.01 3.59 4.13
CA LYS C 125 8.77 4.18 2.81
CA LYS C 125 8.77 4.19 2.82
C LYS C 125 7.35 4.76 2.75
N GLU C 126 6.39 4.06 3.35
CA GLU C 126 4.97 4.47 3.26
C GLU C 126 4.43 5.28 4.45
N GLN C 127 5.34 5.77 5.26
CA GLN C 127 5.01 6.46 6.48
C GLN C 127 3.92 7.53 6.34
N LYS C 128 3.98 8.31 5.28
CA LYS C 128 3.03 9.41 5.09
C LYS C 128 1.67 8.94 4.72
N ASN C 129 1.57 7.76 4.07
CA ASN C 129 0.26 7.16 3.82
C ASN C 129 -0.28 6.29 4.94
N ILE C 130 0.60 5.87 5.86
CA ILE C 130 0.20 5.03 6.95
C ILE C 130 -0.33 5.87 8.12
N TYR C 131 0.33 7.00 8.34
CA TYR C 131 0.22 7.71 9.61
C TYR C 131 -1.25 8.11 9.87
N GLY C 132 -1.87 7.54 10.89
CA GLY C 132 -3.22 7.95 11.24
C GLY C 132 -4.32 7.37 10.36
N LYS C 133 -3.92 6.58 9.39
CA LYS C 133 -4.86 6.04 8.46
C LYS C 133 -4.99 4.53 8.62
N TRP C 134 -3.94 3.86 9.04
CA TRP C 134 -3.97 2.41 9.23
C TRP C 134 -4.32 2.01 10.67
N GLY C 135 -5.07 0.92 10.78
CA GLY C 135 -5.37 0.29 12.04
C GLY C 135 -4.64 -1.04 12.13
N ASP C 136 -4.83 -1.78 13.21
CA ASP C 136 -4.06 -3.04 13.41
C ASP C 136 -4.34 -4.09 12.30
N ASN C 137 -5.55 -4.14 11.74
CA ASN C 137 -5.80 -5.09 10.64
CA ASN C 137 -5.85 -5.07 10.62
C ASN C 137 -5.09 -4.70 9.34
N ASP C 138 -4.85 -3.42 9.13
CA ASP C 138 -4.04 -2.97 8.00
C ASP C 138 -2.59 -3.41 8.16
N PHE C 139 -2.00 -3.16 9.31
CA PHE C 139 -0.63 -3.62 9.56
C PHE C 139 -0.55 -5.10 9.40
N ALA C 140 -1.58 -5.82 9.85
CA ALA C 140 -1.56 -7.27 9.79
C ALA C 140 -1.67 -7.73 8.33
N ASP C 141 -2.58 -7.14 7.57
CA ASP C 141 -2.82 -7.59 6.18
C ASP C 141 -1.56 -7.38 5.33
N VAL C 142 -0.87 -6.26 5.57
CA VAL C 142 0.37 -5.97 4.86
C VAL C 142 1.49 -6.93 5.29
N ALA C 143 1.60 -7.24 6.59
CA ALA C 143 2.58 -8.22 7.07
C ALA C 143 2.34 -9.52 6.36
N LYS C 144 1.07 -9.93 6.25
CA LYS C 144 0.74 -11.19 5.59
C LYS C 144 1.12 -11.16 4.13
N SER C 145 0.84 -10.05 3.48
CA SER C 145 1.20 -9.89 2.07
CA SER C 145 1.19 -9.84 2.10
C SER C 145 2.69 -10.05 1.86
N LEU C 146 3.49 -9.60 2.81
CA LEU C 146 4.96 -9.69 2.69
C LEU C 146 5.53 -11.02 3.23
N GLY C 147 4.69 -11.95 3.67
CA GLY C 147 5.16 -13.29 4.01
C GLY C 147 5.03 -13.71 5.44
N ALA C 148 4.44 -12.86 6.28
CA ALA C 148 4.30 -13.18 7.71
C ALA C 148 3.45 -14.44 7.93
N SER C 149 3.83 -15.25 8.93
CA SER C 149 3.06 -16.46 9.29
C SER C 149 1.64 -16.14 9.75
N ASP C 150 0.74 -17.13 9.66
CA ASP C 150 -0.59 -16.87 10.08
C ASP C 150 -0.62 -16.45 11.52
N GLU C 151 0.26 -17.04 12.33
CA GLU C 151 0.23 -16.77 13.75
CA GLU C 151 0.24 -16.77 13.78
C GLU C 151 0.67 -15.31 14.00
N VAL C 152 1.65 -14.87 13.22
CA VAL C 152 2.14 -13.50 13.39
C VAL C 152 1.08 -12.50 12.97
N THR C 153 0.45 -12.78 11.85
CA THR C 153 -0.58 -11.96 11.32
C THR C 153 -1.70 -11.81 12.37
N GLN C 154 -2.11 -12.93 12.96
CA GLN C 154 -3.22 -12.88 13.93
C GLN C 154 -2.78 -12.12 15.18
N LYS C 155 -1.52 -12.29 15.58
CA LYS C 155 -0.95 -11.58 16.70
C LYS C 155 -0.94 -10.06 16.45
N ILE C 156 -0.62 -9.65 15.23
CA ILE C 156 -0.71 -8.22 14.92
C ILE C 156 -2.16 -7.70 14.98
N ARG C 157 -3.15 -8.45 14.48
CA ARG C 157 -4.54 -8.04 14.55
C ARG C 157 -4.97 -7.78 16.02
N GLU C 158 -4.43 -8.59 16.92
CA GLU C 158 -4.71 -8.54 18.38
C GLU C 158 -3.86 -7.59 19.18
N GLY C 159 -2.87 -6.97 18.55
CA GLY C 159 -1.96 -6.15 19.30
C GLY C 159 -1.13 -6.96 20.30
N GLY C 160 -0.85 -8.20 19.97
CA GLY C 160 -0.20 -9.11 20.90
C GLY C 160 1.21 -8.78 21.27
N ALA C 161 1.92 -7.99 20.44
CA ALA C 161 3.25 -7.58 20.80
C ALA C 161 3.30 -6.19 21.38
N LYS C 162 2.17 -5.52 21.61
CA LYS C 162 2.21 -4.14 22.07
C LYS C 162 2.74 -4.02 23.51
N GLU C 163 2.40 -4.98 24.36
CA GLU C 163 2.86 -4.93 25.76
C GLU C 163 4.40 -4.91 25.75
N ASP C 164 5.00 -5.85 25.02
CA ASP C 164 6.45 -5.90 24.88
C ASP C 164 6.99 -4.68 24.25
N PHE C 165 6.40 -4.25 23.11
CA PHE C 165 6.89 -3.08 22.42
C PHE C 165 6.99 -1.85 23.35
N ARG C 166 5.98 -1.61 24.16
CA ARG C 166 5.92 -0.41 25.00
C ARG C 166 7.06 -0.45 26.05
N LYS C 167 7.30 -1.63 26.57
CA LYS C 167 8.43 -1.84 27.54
C LYS C 167 9.75 -1.53 26.87
N PHE C 168 9.94 -2.08 25.67
CA PHE C 168 11.19 -1.87 24.96
C PHE C 168 11.29 -0.42 24.64
N ALA C 169 10.19 0.20 24.22
CA ALA C 169 10.26 1.60 23.81
C ALA C 169 10.67 2.51 25.00
N GLU C 170 10.17 2.16 26.17
CA GLU C 170 10.46 2.90 27.43
C GLU C 170 11.94 2.71 27.79
N ALA C 171 12.36 1.45 27.83
CA ALA C 171 13.77 1.08 28.04
C ALA C 171 14.70 1.76 27.05
N ASN C 172 14.32 1.83 25.79
CA ASN C 172 15.14 2.45 24.79
C ASN C 172 15.19 3.95 24.93
N SER C 173 14.09 4.61 25.35
CA SER C 173 14.13 6.05 25.56
CA SER C 173 14.12 6.05 25.56
C SER C 173 15.07 6.40 26.71
N LYS C 174 15.03 5.59 27.75
CA LYS C 174 15.95 5.76 28.90
C LYS C 174 17.41 5.65 28.48
N LYS C 175 17.70 4.72 27.56
CA LYS C 175 19.06 4.46 27.17
C LYS C 175 19.57 5.60 26.31
N LEU C 176 18.71 6.13 25.46
CA LEU C 176 19.10 7.22 24.58
C LEU C 176 19.33 8.49 25.38
N GLU C 177 18.47 8.70 26.39
CA GLU C 177 18.63 9.86 27.30
C GLU C 177 20.08 9.91 27.79
N LYS C 178 20.47 8.80 28.42
CA LYS C 178 21.78 8.64 29.04
C LYS C 178 22.94 8.81 28.05
N ASP C 179 22.89 8.08 26.93
CA ASP C 179 24.01 8.03 25.98
C ASP C 179 24.07 9.27 25.07
N GLY C 180 22.91 9.82 24.72
CA GLY C 180 22.85 10.89 23.75
C GLY C 180 22.44 12.27 24.28
N GLY C 181 21.89 12.32 25.49
CA GLY C 181 21.50 13.59 26.15
C GLY C 181 20.02 13.91 26.07
N SER C 182 19.28 13.18 25.23
CA SER C 182 17.92 13.58 24.93
C SER C 182 17.24 12.48 24.12
N VAL C 183 15.96 12.68 23.83
CA VAL C 183 15.23 11.72 23.02
C VAL C 183 14.74 12.39 21.76
N SER C 184 15.21 11.91 20.63
CA SER C 184 14.75 12.35 19.34
C SER C 184 15.01 11.15 18.45
N SER C 185 14.80 11.31 17.15
CA SER C 185 15.25 10.31 16.21
C SER C 185 15.44 10.94 14.83
N PRO C 186 16.25 10.31 13.98
CA PRO C 186 17.02 9.10 14.24
C PRO C 186 18.28 9.46 15.04
N ARG C 187 18.77 8.52 15.83
CA ARG C 187 20.10 8.66 16.47
C ARG C 187 20.90 7.41 16.19
N VAL C 188 22.17 7.57 15.83
CA VAL C 188 23.07 6.43 15.59
C VAL C 188 24.34 6.53 16.45
N PHE C 189 24.64 5.45 17.14
CA PHE C 189 25.87 5.29 17.92
C PHE C 189 26.72 4.17 17.31
N ILE C 190 28.03 4.34 17.29
CA ILE C 190 28.94 3.27 16.88
C ILE C 190 29.86 2.96 18.07
N ASP C 191 29.76 1.75 18.60
CA ASP C 191 30.45 1.34 19.83
C ASP C 191 30.32 2.38 20.93
N GLY C 192 29.13 2.94 21.08
CA GLY C 192 28.84 3.88 22.16
C GLY C 192 29.09 5.35 21.85
N LYS C 193 29.76 5.67 20.74
CA LYS C 193 30.03 7.09 20.40
C LYS C 193 28.96 7.55 19.41
N GLU C 194 28.19 8.57 19.76
CA GLU C 194 27.14 9.02 18.85
C GLU C 194 27.78 9.57 17.59
N VAL C 195 27.17 9.29 16.44
CA VAL C 195 27.54 9.94 15.19
C VAL C 195 26.78 11.26 15.23
N LYS C 196 27.43 12.30 15.77
CA LYS C 196 26.80 13.61 15.99
C LYS C 196 27.02 14.58 14.82
N ASN C 197 27.78 14.12 13.83
CA ASN C 197 28.46 14.99 12.87
C ASN C 197 28.12 14.76 11.39
N GLY C 198 27.03 14.07 11.10
CA GLY C 198 26.67 13.71 9.72
C GLY C 198 26.13 12.30 9.68
N ILE C 199 24.88 12.18 10.13
CA ILE C 199 24.27 10.90 10.45
C ILE C 199 24.01 10.09 9.19
N GLU C 200 23.82 10.78 8.07
CA GLU C 200 23.62 10.09 6.80
C GLU C 200 24.86 9.31 6.37
N THR C 201 25.98 9.49 7.09
CA THR C 201 27.23 8.82 6.76
C THR C 201 27.60 7.66 7.71
N TRP C 202 26.75 7.36 8.70
CA TRP C 202 27.12 6.45 9.79
C TRP C 202 27.68 5.10 9.34
N VAL C 203 27.19 4.57 8.22
CA VAL C 203 27.66 3.26 7.77
C VAL C 203 29.12 3.35 7.34
N GLU C 204 29.43 4.36 6.56
CA GLU C 204 30.80 4.59 6.12
C GLU C 204 31.77 4.74 7.29
N GLN C 205 31.29 5.45 8.30
CA GLN C 205 32.03 5.67 9.52
C GLN C 205 32.22 4.38 10.32
N ALA C 206 31.20 3.53 10.32
CA ALA C 206 31.27 2.25 11.03
C ALA C 206 32.15 1.20 10.35
N THR C 207 32.40 1.36 9.05
CA THR C 207 33.16 0.39 8.28
C THR C 207 34.53 0.89 7.80
N LYS D 13 27.75 -33.43 -27.22
CA LYS D 13 26.76 -34.37 -26.63
C LYS D 13 25.34 -33.80 -26.67
N TYR D 14 25.23 -32.51 -26.36
CA TYR D 14 23.94 -31.80 -26.28
C TYR D 14 23.70 -30.84 -27.45
N ALA D 15 24.59 -30.87 -28.43
CA ALA D 15 24.48 -29.99 -29.59
C ALA D 15 23.13 -30.17 -30.30
N ASP D 16 22.71 -31.42 -30.48
CA ASP D 16 21.48 -31.71 -31.22
C ASP D 16 20.28 -31.76 -30.29
N TYR D 17 20.32 -31.04 -29.16
CA TYR D 17 19.27 -31.22 -28.15
C TYR D 17 17.90 -30.94 -28.75
N ASP D 18 16.94 -31.74 -28.32
CA ASP D 18 15.58 -31.71 -28.86
C ASP D 18 14.75 -30.63 -28.17
N LYS D 19 15.05 -29.37 -28.49
CA LYS D 19 14.40 -28.24 -27.84
C LYS D 19 12.90 -28.31 -28.04
N GLU D 20 12.19 -28.53 -26.93
CA GLU D 20 10.75 -28.35 -26.90
C GLU D 20 10.52 -26.86 -26.99
N SER D 21 9.76 -26.45 -28.02
CA SER D 21 9.22 -25.09 -28.07
C SER D 21 8.17 -25.00 -26.97
N VAL D 22 8.05 -23.80 -26.39
CA VAL D 22 7.11 -23.59 -25.29
C VAL D 22 6.60 -22.15 -25.38
N SER D 23 5.32 -21.98 -25.09
CA SER D 23 4.65 -20.69 -25.26
C SER D 23 4.53 -19.87 -23.97
N PHE D 24 4.56 -20.51 -22.79
CA PHE D 24 4.29 -19.81 -21.51
C PHE D 24 5.41 -18.84 -21.09
N THR D 25 5.17 -18.09 -20.03
CA THR D 25 6.15 -17.13 -19.53
C THR D 25 6.36 -17.37 -18.03
N GLY D 26 7.04 -16.46 -17.36
CA GLY D 26 7.33 -16.67 -15.98
C GLY D 26 7.90 -15.45 -15.28
N SER D 27 8.25 -15.65 -14.02
CA SER D 27 8.89 -14.64 -13.21
C SER D 27 9.63 -15.31 -12.08
N VAL D 28 10.51 -14.54 -11.45
CA VAL D 28 11.19 -14.93 -10.26
C VAL D 28 10.65 -14.12 -9.09
N THR D 29 9.85 -14.75 -8.25
CA THR D 29 9.10 -14.03 -7.26
C THR D 29 9.05 -14.82 -6.00
N ASP D 30 9.32 -14.13 -4.90
CA ASP D 30 9.17 -14.72 -3.58
C ASP D 30 9.92 -16.05 -3.52
N SER D 31 11.15 -16.01 -4.01
CA SER D 31 12.05 -17.16 -4.02
C SER D 31 11.66 -18.29 -4.98
N ALA D 32 10.59 -18.13 -5.75
CA ALA D 32 10.14 -19.14 -6.70
C ALA D 32 10.40 -18.73 -8.14
N ILE D 33 10.61 -19.71 -8.99
CA ILE D 33 10.57 -19.55 -10.43
C ILE D 33 9.14 -19.94 -10.77
N VAL D 34 8.36 -18.94 -11.14
CA VAL D 34 6.94 -19.08 -11.41
C VAL D 34 6.71 -19.26 -12.89
N LEU D 35 6.03 -20.34 -13.25
CA LEU D 35 5.61 -20.58 -14.62
C LEU D 35 4.09 -20.38 -14.74
N LYS D 36 3.71 -19.65 -15.76
CA LYS D 36 2.32 -19.26 -15.95
C LYS D 36 2.12 -18.75 -17.38
N ALA D 37 0.92 -18.94 -17.91
CA ALA D 37 0.52 -18.30 -19.16
C ALA D 37 0.07 -16.86 -18.87
N VAL D 38 0.26 -15.95 -19.82
CA VAL D 38 -0.32 -14.61 -19.71
C VAL D 38 -1.84 -14.68 -19.63
N ASN D 39 -2.44 -15.72 -20.20
CA ASN D 39 -3.90 -15.92 -20.08
C ASN D 39 -4.32 -16.93 -18.99
N ALA D 40 -3.56 -16.97 -17.89
CA ALA D 40 -3.93 -17.80 -16.73
C ALA D 40 -5.28 -17.35 -16.16
N LYS D 41 -6.17 -18.32 -15.88
CA LYS D 41 -7.49 -18.02 -15.32
C LYS D 41 -7.44 -17.50 -13.87
N LYS D 42 -8.47 -16.75 -13.49
CA LYS D 42 -8.55 -16.10 -12.18
CA LYS D 42 -8.52 -16.10 -12.18
C LYS D 42 -8.64 -17.13 -11.04
N ASP D 43 -9.17 -18.31 -11.36
CA ASP D 43 -9.29 -19.40 -10.38
C ASP D 43 -8.22 -20.45 -10.65
N ALA D 44 -7.04 -20.01 -11.10
CA ALA D 44 -5.91 -20.90 -11.27
C ALA D 44 -5.52 -21.43 -9.90
N LYS D 45 -5.23 -22.72 -9.83
CA LYS D 45 -4.71 -23.29 -8.60
C LYS D 45 -3.23 -23.00 -8.50
N LYS D 46 -2.80 -22.41 -7.38
CA LYS D 46 -1.41 -22.11 -7.14
C LYS D 46 -0.68 -23.36 -6.63
N ILE D 47 0.35 -23.75 -7.36
CA ILE D 47 1.13 -24.94 -7.04
C ILE D 47 2.45 -24.44 -6.47
N ASP D 48 2.81 -24.98 -5.32
CA ASP D 48 4.16 -24.89 -4.83
C ASP D 48 4.77 -26.28 -5.08
N PHE D 49 5.79 -26.30 -5.92
CA PHE D 49 6.45 -27.53 -6.37
C PHE D 49 7.87 -27.40 -5.90
N TYR D 50 8.20 -28.19 -4.87
CA TYR D 50 9.53 -28.17 -4.27
C TYR D 50 10.39 -29.31 -4.88
N GLU D 51 11.59 -28.96 -5.34
CA GLU D 51 12.51 -29.95 -5.91
C GLU D 51 13.96 -29.58 -5.70
N ASP D 52 14.82 -30.59 -5.73
CA ASP D 52 16.28 -30.41 -5.56
C ASP D 52 16.92 -31.08 -6.79
N PHE D 53 17.81 -30.41 -7.50
CA PHE D 53 18.35 -31.01 -8.72
C PHE D 53 19.18 -32.31 -8.52
N SER D 54 19.62 -32.59 -7.31
CA SER D 54 20.34 -33.85 -7.06
C SER D 54 19.43 -35.00 -6.72
N CYS D 55 18.12 -34.77 -6.74
CA CYS D 55 17.20 -35.75 -6.20
C CYS D 55 16.77 -36.68 -7.32
N PRO D 56 16.96 -37.98 -7.15
CA PRO D 56 16.43 -38.95 -8.18
C PRO D 56 14.89 -39.07 -8.26
N HIS D 57 14.22 -38.94 -7.13
CA HIS D 57 12.77 -38.98 -7.12
C HIS D 57 12.17 -37.72 -7.77
N CYS D 58 12.86 -36.57 -7.66
CA CYS D 58 12.43 -35.40 -8.44
C CYS D 58 12.55 -35.62 -9.96
N ALA D 59 13.61 -36.29 -10.40
CA ALA D 59 13.77 -36.64 -11.82
C ALA D 59 12.72 -37.61 -12.34
N GLU D 60 12.44 -38.66 -11.57
CA GLU D 60 11.45 -39.67 -11.98
C GLU D 60 10.05 -39.06 -12.13
N LEU D 61 9.68 -38.21 -11.17
CA LEU D 61 8.42 -37.46 -11.21
C LEU D 61 8.39 -36.49 -12.40
N GLY D 62 9.52 -35.82 -12.65
CA GLY D 62 9.66 -34.91 -13.79
C GLY D 62 9.30 -35.48 -15.15
N GLU D 63 9.75 -36.70 -15.48
CA GLU D 63 9.53 -37.30 -16.80
CA GLU D 63 9.52 -37.23 -16.83
C GLU D 63 8.06 -37.65 -17.07
N VAL D 64 7.36 -38.06 -16.02
CA VAL D 64 5.95 -38.43 -16.18
C VAL D 64 4.94 -37.33 -15.84
N THR D 65 5.39 -36.17 -15.36
CA THR D 65 4.47 -35.04 -15.11
C THR D 65 4.78 -33.72 -15.82
N ASP D 66 5.94 -33.62 -16.49
CA ASP D 66 6.32 -32.38 -17.19
C ASP D 66 5.37 -32.08 -18.37
N GLY D 67 4.91 -33.12 -19.06
CA GLY D 67 3.97 -32.97 -20.17
C GLY D 67 2.64 -32.39 -19.70
N PRO D 68 1.90 -33.15 -18.87
CA PRO D 68 0.67 -32.65 -18.24
C PRO D 68 0.81 -31.31 -17.51
N MSE D 69 2.00 -31.01 -16.97
CA MSE D 69 2.27 -29.69 -16.41
C MSE D 69 2.38 -28.67 -17.52
O MSE D 69 1.78 -27.60 -17.41
CB MSE D 69 3.53 -29.71 -15.52
CG MSE D 69 3.58 -28.50 -14.60
SE MSE D 69 5.23 -28.52 -13.49
CE MSE D 69 6.42 -28.52 -15.03
N THR D 70 3.10 -29.00 -18.60
CA THR D 70 3.29 -28.04 -19.70
CA THR D 70 3.29 -28.10 -19.76
C THR D 70 1.95 -27.70 -20.39
N LYS D 71 0.98 -28.59 -20.29
CA LYS D 71 -0.33 -28.32 -20.84
C LYS D 71 -1.21 -27.56 -19.86
N ALA D 72 -1.18 -27.96 -18.58
CA ALA D 72 -2.07 -27.39 -17.59
C ALA D 72 -1.73 -25.93 -17.36
N ILE D 73 -0.43 -25.65 -17.34
CA ILE D 73 0.10 -24.28 -17.32
C ILE D 73 -0.35 -23.56 -18.58
N GLU D 74 -0.11 -24.19 -19.72
CA GLU D 74 -0.36 -23.57 -21.02
C GLU D 74 -1.84 -23.51 -21.36
N ASN D 75 -2.69 -23.99 -20.44
CA ASN D 75 -4.14 -23.80 -20.51
C ASN D 75 -4.68 -23.02 -19.32
N GLY D 76 -3.78 -22.40 -18.56
CA GLY D 76 -4.15 -21.42 -17.55
C GLY D 76 -4.83 -21.99 -16.31
N ASP D 77 -4.72 -23.29 -16.12
CA ASP D 77 -5.39 -23.98 -15.02
C ASP D 77 -4.59 -23.92 -13.71
N ILE D 78 -3.27 -23.86 -13.88
CA ILE D 78 -2.35 -23.81 -12.75
C ILE D 78 -1.28 -22.77 -13.02
N VAL D 79 -0.77 -22.20 -11.93
CA VAL D 79 0.43 -21.39 -11.95
C VAL D 79 1.43 -22.10 -11.04
N VAL D 80 2.60 -22.42 -11.58
CA VAL D 80 3.53 -23.25 -10.85
C VAL D 80 4.66 -22.44 -10.30
N ASN D 81 4.75 -22.48 -8.98
CA ASN D 81 5.86 -21.90 -8.25
C ASN D 81 6.90 -22.97 -8.01
N LEU D 82 7.97 -22.92 -8.79
CA LEU D 82 9.02 -23.92 -8.66
C LEU D 82 9.92 -23.45 -7.59
N ARG D 83 9.96 -24.20 -6.48
CA ARG D 83 10.70 -23.78 -5.30
C ARG D 83 11.85 -24.74 -5.14
N ILE D 84 13.01 -24.29 -5.58
CA ILE D 84 14.18 -25.16 -5.66
C ILE D 84 15.01 -25.13 -4.37
N LEU D 85 15.34 -26.31 -3.87
CA LEU D 85 16.11 -26.48 -2.65
C LEU D 85 17.53 -26.94 -2.98
N ASN D 86 18.40 -26.91 -1.98
CA ASN D 86 19.73 -27.52 -2.09
C ASN D 86 20.04 -28.34 -0.87
N PHE D 87 19.02 -28.88 -0.21
CA PHE D 87 19.24 -29.66 1.03
C PHE D 87 20.05 -30.93 0.82
N LEU D 88 20.13 -31.42 -0.41
CA LEU D 88 20.92 -32.60 -0.66
C LEU D 88 22.42 -32.32 -0.69
N ASP D 89 22.81 -31.06 -0.64
CA ASP D 89 24.20 -30.75 -0.45
C ASP D 89 24.56 -30.80 1.07
N ARG D 90 23.59 -31.16 1.89
CA ARG D 90 23.81 -31.40 3.35
C ARG D 90 24.42 -30.19 4.03
N ASP D 91 23.84 -29.04 3.72
CA ASP D 91 24.20 -27.75 4.25
C ASP D 91 25.53 -27.17 3.79
N GLY D 92 26.17 -27.83 2.84
CA GLY D 92 27.21 -27.20 2.06
C GLY D 92 26.61 -26.10 1.20
N ASP D 93 27.40 -25.11 0.82
CA ASP D 93 26.88 -24.01 0.01
C ASP D 93 27.27 -24.02 -1.45
N ASP D 94 27.97 -25.06 -1.88
CA ASP D 94 28.47 -25.12 -3.24
C ASP D 94 28.60 -26.56 -3.76
N GLY D 95 27.63 -27.40 -3.43
CA GLY D 95 27.55 -28.71 -3.94
C GLY D 95 26.81 -28.78 -5.28
N ASN D 96 26.59 -30.00 -5.71
CA ASN D 96 25.93 -30.23 -7.02
C ASN D 96 24.54 -29.58 -7.07
N SER D 97 23.79 -29.65 -5.97
CA SER D 97 22.45 -29.03 -5.96
C SER D 97 22.47 -27.53 -6.15
N THR D 98 23.45 -26.86 -5.55
CA THR D 98 23.60 -25.44 -5.69
C THR D 98 24.14 -25.07 -7.08
N LYS D 99 25.12 -25.80 -7.57
CA LYS D 99 25.66 -25.56 -8.91
C LYS D 99 24.57 -25.71 -9.99
N ALA D 100 23.81 -26.80 -9.90
CA ALA D 100 22.69 -27.05 -10.85
C ALA D 100 21.58 -26.03 -10.69
N GLY D 101 21.19 -25.77 -9.45
CA GLY D 101 20.08 -24.83 -9.21
C GLY D 101 20.38 -23.41 -9.60
N ALA D 102 21.61 -22.99 -9.34
CA ALA D 102 22.03 -21.64 -9.56
C ALA D 102 22.24 -21.41 -11.03
N ALA D 103 22.64 -22.46 -11.75
CA ALA D 103 22.71 -22.40 -13.21
C ALA D 103 21.36 -22.23 -13.81
N ALA D 104 20.41 -23.02 -13.38
CA ALA D 104 19.08 -22.87 -13.88
C ALA D 104 18.45 -21.53 -13.52
N LEU D 105 18.74 -21.03 -12.31
CA LEU D 105 18.16 -19.77 -11.87
C LEU D 105 18.70 -18.67 -12.73
N ALA D 106 19.97 -18.72 -13.05
CA ALA D 106 20.53 -17.70 -13.93
C ALA D 106 19.77 -17.63 -15.28
N VAL D 107 19.34 -18.78 -15.81
CA VAL D 107 18.60 -18.79 -17.07
C VAL D 107 17.24 -18.16 -16.86
N ALA D 108 16.55 -18.57 -15.81
CA ALA D 108 15.23 -18.04 -15.47
C ALA D 108 15.27 -16.51 -15.33
N GLN D 109 16.32 -16.02 -14.68
CA GLN D 109 16.48 -14.57 -14.47
C GLN D 109 16.59 -13.81 -15.78
N SER D 110 17.04 -14.45 -16.84
CA SER D 110 17.14 -13.76 -18.14
C SER D 110 15.80 -13.62 -18.88
N GLY D 111 14.75 -14.31 -18.45
CA GLY D 111 13.44 -14.27 -19.11
C GLY D 111 13.30 -15.18 -20.34
N ASP D 112 14.31 -16.02 -20.60
CA ASP D 112 14.33 -16.97 -21.73
C ASP D 112 13.66 -18.29 -21.34
N TRP D 113 12.33 -18.29 -21.32
CA TRP D 113 11.56 -19.36 -20.70
C TRP D 113 11.67 -20.67 -21.47
N GLU D 114 11.82 -20.59 -22.79
CA GLU D 114 12.01 -21.79 -23.59
C GLU D 114 13.36 -22.47 -23.25
N THR D 115 14.43 -21.69 -23.22
CA THR D 115 15.74 -22.19 -22.78
C THR D 115 15.74 -22.70 -21.33
N TYR D 116 15.13 -21.94 -20.42
CA TYR D 116 14.98 -22.39 -19.02
C TYR D 116 14.28 -23.77 -18.94
N TRP D 117 13.12 -23.88 -19.57
CA TRP D 117 12.35 -25.12 -19.51
C TRP D 117 13.15 -26.38 -19.89
N ASN D 118 13.83 -26.26 -21.01
CA ASN D 118 14.60 -27.35 -21.60
C ASN D 118 15.85 -27.64 -20.78
N TYR D 119 16.44 -26.57 -20.23
CA TYR D 119 17.60 -26.73 -19.33
C TYR D 119 17.23 -27.47 -18.05
N ARG D 120 16.18 -27.02 -17.40
CA ARG D 120 15.69 -27.74 -16.26
C ARG D 120 15.49 -29.22 -16.64
N ALA D 121 14.81 -29.47 -17.76
CA ALA D 121 14.48 -30.85 -18.19
C ALA D 121 15.76 -31.70 -18.37
N LEU D 122 16.77 -31.10 -18.99
CA LEU D 122 18.07 -31.74 -19.21
C LEU D 122 18.79 -32.05 -17.89
N LEU D 123 18.83 -31.09 -16.98
CA LEU D 123 19.53 -31.30 -15.73
C LEU D 123 18.89 -32.41 -14.93
N MSE D 124 17.57 -32.59 -15.05
CA MSE D 124 16.89 -33.70 -14.38
CA MSE D 124 16.84 -33.70 -14.42
C MSE D 124 17.15 -35.02 -15.09
O MSE D 124 17.51 -36.02 -14.45
CB MSE D 124 15.40 -33.36 -14.20
CB MSE D 124 15.32 -33.45 -14.48
CG MSE D 124 15.26 -32.24 -13.16
CG MSE D 124 14.87 -32.34 -13.52
SE MSE D 124 15.68 -32.88 -11.35
SE MSE D 124 12.90 -32.32 -13.26
CE MSE D 124 15.01 -31.32 -10.35
CE MSE D 124 12.25 -32.56 -15.08
N LYS D 125 17.00 -35.04 -16.40
CA LYS D 125 17.25 -36.24 -17.24
C LYS D 125 18.70 -36.81 -17.10
N GLU D 126 19.68 -35.93 -17.04
CA GLU D 126 21.14 -36.30 -17.02
C GLU D 126 21.76 -36.28 -15.62
N GLN D 127 20.89 -36.20 -14.61
CA GLN D 127 21.30 -36.07 -13.23
CA GLN D 127 21.30 -36.10 -13.20
C GLN D 127 22.44 -37.05 -12.89
N LYS D 128 22.29 -38.30 -13.29
CA LYS D 128 23.27 -39.32 -12.90
C LYS D 128 24.63 -39.13 -13.53
N ASN D 129 24.67 -38.55 -14.72
CA ASN D 129 25.93 -38.22 -15.34
C ASN D 129 26.51 -36.88 -14.94
N ILE D 130 25.67 -35.99 -14.41
CA ILE D 130 26.14 -34.70 -13.93
C ILE D 130 26.78 -34.77 -12.54
N TYR D 131 26.13 -35.50 -11.65
CA TYR D 131 26.31 -35.42 -10.22
C TYR D 131 27.78 -35.65 -9.84
N GLY D 132 28.41 -34.66 -9.24
CA GLY D 132 29.80 -34.80 -8.83
C GLY D 132 30.83 -34.73 -9.95
N LYS D 133 30.41 -34.62 -11.19
CA LYS D 133 31.33 -34.64 -12.31
C LYS D 133 31.44 -33.28 -12.99
N TRP D 134 30.33 -32.55 -13.06
CA TRP D 134 30.34 -31.18 -13.64
C TRP D 134 30.70 -30.08 -12.68
N GLY D 135 31.44 -29.10 -13.22
CA GLY D 135 31.71 -27.85 -12.58
C GLY D 135 30.94 -26.77 -13.24
N ASP D 136 31.10 -25.56 -12.74
CA ASP D 136 30.34 -24.40 -13.24
C ASP D 136 30.49 -24.17 -14.74
N ASN D 137 31.70 -24.36 -15.24
CA ASN D 137 31.89 -24.29 -16.67
C ASN D 137 31.12 -25.31 -17.52
N ASP D 138 30.90 -26.51 -16.99
CA ASP D 138 30.07 -27.49 -17.70
C ASP D 138 28.65 -27.05 -17.74
N PHE D 139 28.12 -26.61 -16.60
CA PHE D 139 26.77 -26.08 -16.57
C PHE D 139 26.60 -24.96 -17.56
N ALA D 140 27.63 -24.11 -17.63
CA ALA D 140 27.57 -22.93 -18.46
C ALA D 140 27.60 -23.32 -19.96
N ASP D 141 28.54 -24.17 -20.33
CA ASP D 141 28.62 -24.63 -21.74
C ASP D 141 27.33 -25.33 -22.21
N VAL D 142 26.70 -26.09 -21.33
CA VAL D 142 25.45 -26.78 -21.71
C VAL D 142 24.29 -25.79 -21.88
N ALA D 143 24.24 -24.80 -21.01
CA ALA D 143 23.29 -23.68 -21.15
C ALA D 143 23.48 -22.95 -22.48
N LYS D 144 24.74 -22.67 -22.83
CA LYS D 144 25.01 -22.07 -24.12
C LYS D 144 24.52 -23.00 -25.27
N SER D 145 24.88 -24.28 -25.22
CA SER D 145 24.40 -25.23 -26.20
C SER D 145 22.88 -25.19 -26.35
N LEU D 146 22.16 -24.89 -25.27
CA LEU D 146 20.71 -24.90 -25.29
C LEU D 146 20.08 -23.54 -25.64
N GLY D 147 20.90 -22.54 -25.93
CA GLY D 147 20.39 -21.24 -26.39
C GLY D 147 20.58 -20.08 -25.42
N ALA D 148 21.19 -20.32 -24.28
CA ALA D 148 21.40 -19.28 -23.28
C ALA D 148 22.21 -18.11 -23.86
N SER D 149 21.90 -16.89 -23.45
CA SER D 149 22.69 -15.73 -23.91
C SER D 149 24.11 -15.77 -23.36
N ASP D 150 25.00 -15.00 -23.97
CA ASP D 150 26.38 -14.90 -23.47
C ASP D 150 26.37 -14.40 -22.02
N GLU D 151 25.50 -13.42 -21.78
CA GLU D 151 25.38 -12.86 -20.45
C GLU D 151 25.03 -13.95 -19.44
N VAL D 152 24.08 -14.81 -19.77
CA VAL D 152 23.68 -15.87 -18.84
C VAL D 152 24.84 -16.86 -18.68
N THR D 153 25.44 -17.21 -19.80
CA THR D 153 26.48 -18.23 -19.82
C THR D 153 27.64 -17.79 -18.96
N GLN D 154 28.01 -16.52 -19.05
CA GLN D 154 29.10 -16.00 -18.26
C GLN D 154 28.72 -16.00 -16.79
N LYS D 155 27.50 -15.57 -16.48
CA LYS D 155 27.05 -15.52 -15.09
CA LYS D 155 27.05 -15.52 -15.09
C LYS D 155 27.18 -16.92 -14.49
N ILE D 156 26.77 -17.94 -15.24
CA ILE D 156 26.92 -19.29 -14.76
C ILE D 156 28.38 -19.66 -14.53
N ARG D 157 29.26 -19.34 -15.48
CA ARG D 157 30.68 -19.66 -15.31
C ARG D 157 31.25 -19.08 -14.02
N GLU D 158 30.80 -17.88 -13.66
CA GLU D 158 31.28 -17.15 -12.48
C GLU D 158 30.51 -17.41 -11.20
N GLY D 159 29.44 -18.20 -11.30
CA GLY D 159 28.56 -18.45 -10.15
C GLY D 159 27.80 -17.22 -9.69
N GLY D 160 27.44 -16.36 -10.64
CA GLY D 160 26.83 -15.09 -10.34
C GLY D 160 25.45 -15.15 -9.72
N ALA D 161 24.71 -16.24 -9.92
CA ALA D 161 23.40 -16.35 -9.33
C ALA D 161 23.42 -17.21 -8.05
N LYS D 162 24.59 -17.62 -7.58
CA LYS D 162 24.66 -18.49 -6.40
C LYS D 162 24.24 -17.79 -5.12
N GLU D 163 24.68 -16.54 -4.91
CA GLU D 163 24.24 -15.87 -3.69
CA GLU D 163 24.23 -15.73 -3.75
C GLU D 163 22.72 -15.72 -3.70
N ASP D 164 22.10 -15.29 -4.81
CA ASP D 164 20.65 -15.28 -4.87
C ASP D 164 20.06 -16.66 -4.63
N PHE D 165 20.59 -17.66 -5.32
CA PHE D 165 20.07 -18.99 -5.26
C PHE D 165 20.12 -19.51 -3.83
N ARG D 166 21.22 -19.25 -3.15
CA ARG D 166 21.34 -19.71 -1.76
C ARG D 166 20.29 -19.08 -0.85
N LYS D 167 20.06 -17.77 -1.00
CA LYS D 167 18.99 -17.10 -0.24
C LYS D 167 17.63 -17.69 -0.60
N PHE D 168 17.34 -17.92 -1.89
CA PHE D 168 16.05 -18.55 -2.26
C PHE D 168 15.92 -19.96 -1.71
N ALA D 169 17.00 -20.75 -1.77
CA ALA D 169 16.91 -22.13 -1.30
C ALA D 169 16.64 -22.13 0.23
N GLU D 170 17.28 -21.21 0.95
CA GLU D 170 17.09 -21.10 2.38
C GLU D 170 15.62 -20.71 2.66
N ALA D 171 15.13 -19.67 2.01
CA ALA D 171 13.71 -19.28 2.12
C ALA D 171 12.74 -20.44 1.85
N ASN D 172 12.99 -21.17 0.78
CA ASN D 172 12.12 -22.28 0.36
C ASN D 172 12.12 -23.42 1.32
N SER D 173 13.28 -23.68 1.92
CA SER D 173 13.39 -24.74 2.92
CA SER D 173 13.40 -24.74 2.94
C SER D 173 12.57 -24.38 4.17
N LYS D 174 12.67 -23.13 4.59
CA LYS D 174 11.91 -22.62 5.75
C LYS D 174 10.44 -22.70 5.47
N LYS D 175 10.04 -22.12 4.35
CA LYS D 175 8.69 -22.22 3.88
C LYS D 175 8.16 -23.67 3.88
N LEU D 176 8.91 -24.59 3.28
CA LEU D 176 8.51 -25.99 3.30
C LEU D 176 8.41 -26.54 4.72
N GLU D 177 9.35 -26.19 5.57
CA GLU D 177 9.37 -26.71 6.95
C GLU D 177 8.16 -26.19 7.73
N LYS D 178 7.72 -24.97 7.38
CA LYS D 178 6.50 -24.35 7.92
C LYS D 178 5.24 -25.06 7.47
N ASP D 179 5.12 -25.20 6.14
CA ASP D 179 3.92 -25.70 5.49
C ASP D 179 3.80 -27.23 5.53
N GLY D 180 4.92 -27.91 5.37
CA GLY D 180 4.94 -29.37 5.28
C GLY D 180 5.65 -30.04 6.43
N GLY D 181 6.26 -29.25 7.31
CA GLY D 181 6.79 -29.79 8.56
C GLY D 181 8.25 -30.12 8.51
N SER D 182 8.68 -30.71 7.39
CA SER D 182 10.07 -31.12 7.22
C SER D 182 10.48 -30.89 5.78
N VAL D 183 11.79 -31.02 5.54
CA VAL D 183 12.36 -30.75 4.22
C VAL D 183 12.76 -32.05 3.52
N SER D 184 12.13 -32.28 2.39
CA SER D 184 12.47 -33.39 1.52
C SER D 184 11.94 -33.03 0.12
N SER D 185 12.08 -33.94 -0.82
CA SER D 185 11.64 -33.63 -2.17
C SER D 185 11.47 -34.92 -2.96
N PRO D 186 10.62 -34.89 -3.97
CA PRO D 186 9.83 -33.74 -4.40
C PRO D 186 8.60 -33.58 -3.48
N ARG D 187 8.19 -32.34 -3.24
CA ARG D 187 6.96 -32.06 -2.46
C ARG D 187 6.07 -31.15 -3.26
N VAL D 188 4.77 -31.38 -3.20
CA VAL D 188 3.82 -30.55 -3.94
C VAL D 188 2.64 -30.11 -3.05
N PHE D 189 2.29 -28.83 -3.18
CA PHE D 189 1.13 -28.24 -2.48
C PHE D 189 0.23 -27.64 -3.53
N ILE D 190 -1.07 -27.76 -3.31
CA ILE D 190 -2.06 -27.13 -4.15
C ILE D 190 -2.83 -26.18 -3.24
N ASP D 191 -2.70 -24.88 -3.50
CA ASP D 191 -3.31 -23.84 -2.68
C ASP D 191 -3.03 -24.08 -1.20
N GLY D 192 -1.76 -24.29 -0.87
CA GLY D 192 -1.34 -24.50 0.53
C GLY D 192 -1.51 -25.91 1.12
N LYS D 193 -2.25 -26.80 0.45
CA LYS D 193 -2.47 -28.16 0.94
C LYS D 193 -1.71 -29.23 0.16
N GLU D 194 -0.90 -29.99 0.89
CA GLU D 194 0.00 -30.97 0.28
C GLU D 194 -0.76 -32.10 -0.40
N VAL D 195 -0.18 -32.58 -1.48
CA VAL D 195 -0.69 -33.73 -2.18
C VAL D 195 0.18 -34.91 -1.73
N LYS D 196 0.04 -35.26 -0.45
CA LYS D 196 0.65 -36.46 0.10
C LYS D 196 -0.17 -37.66 -0.39
N ASN D 197 -1.38 -37.36 -0.86
CA ASN D 197 -2.16 -38.31 -1.63
C ASN D 197 -1.40 -38.59 -2.94
N GLY D 198 -0.96 -39.84 -3.15
CA GLY D 198 -0.26 -40.28 -4.37
C GLY D 198 0.29 -39.22 -5.32
N ILE D 199 1.50 -38.75 -5.04
CA ILE D 199 2.12 -37.58 -5.70
C ILE D 199 2.24 -37.62 -7.24
N GLU D 200 2.29 -38.81 -7.83
CA GLU D 200 2.58 -38.98 -9.27
C GLU D 200 1.54 -38.37 -10.21
N THR D 201 0.31 -38.23 -9.73
CA THR D 201 -0.80 -37.75 -10.54
C THR D 201 -1.21 -36.31 -10.17
N TRP D 202 -0.31 -35.56 -9.54
CA TRP D 202 -0.68 -34.27 -8.94
C TRP D 202 -1.34 -33.29 -9.94
N VAL D 203 -0.96 -33.41 -11.21
CA VAL D 203 -1.58 -32.66 -12.28
C VAL D 203 -3.02 -33.16 -12.52
#